data_9R72
#
_entry.id   9R72
#
_cell.length_a   77.635
_cell.length_b   77.004
_cell.length_c   115.857
_cell.angle_alpha   90.00
_cell.angle_beta   96.86
_cell.angle_gamma   90.00
#
_symmetry.space_group_name_H-M   'P 1 21 1'
#
loop_
_entity.id
_entity.type
_entity.pdbx_description
1 polymer 'Adenylate kinase'
2 non-polymer 'CHLORIDE ION'
3 water water
#
_entity_poly.entity_id   1
_entity_poly.type   'polypeptide(L)'
_entity_poly.pdbx_seq_one_letter_code
;MRFILTGVPGAGKTTVCNKLAEKMSNLSVVNYGDVIFEEAKKLYPSIIQVREDTRKLPRADYRNIQIEAAKKIGLITDNL
IVDTHMSLKTPYGFYPGLIPETINIIQPDGIILLEFNPRDVIARREKDRLAGKRVTRDMESETDILLHQQVNRMFAVSYS
AINQCYVKIIDLTWPQEYEFQHTEYAVNKIIEMLNFKI
;
_entity_poly.pdbx_strand_id   B,C,A,D,E,F
#
loop_
_chem_comp.id
_chem_comp.type
_chem_comp.name
_chem_comp.formula
CL non-polymer 'CHLORIDE ION' 'Cl -1'
#
# COMPACT_ATOMS: atom_id res chain seq x y z
N MET A 1 28.28 -26.04 10.82
CA MET A 1 26.84 -25.94 10.47
C MET A 1 26.69 -25.83 8.96
N ARG A 2 25.50 -26.16 8.46
CA ARG A 2 25.26 -26.23 7.02
C ARG A 2 24.06 -25.35 6.68
N PHE A 3 24.28 -24.38 5.80
CA PHE A 3 23.26 -23.43 5.40
C PHE A 3 23.24 -23.32 3.89
N ILE A 4 22.04 -23.43 3.32
CA ILE A 4 21.84 -23.20 1.90
C ILE A 4 21.51 -21.72 1.73
N LEU A 5 22.36 -20.99 1.01
CA LEU A 5 22.22 -19.54 0.85
C LEU A 5 21.62 -19.22 -0.51
N THR A 6 20.55 -18.42 -0.51
CA THR A 6 19.86 -18.13 -1.76
C THR A 6 19.42 -16.67 -1.85
N GLY A 7 19.09 -16.25 -3.07
CA GLY A 7 18.62 -14.92 -3.37
C GLY A 7 18.26 -14.85 -4.84
N VAL A 8 17.67 -13.73 -5.25
CA VAL A 8 17.35 -13.52 -6.66
C VAL A 8 18.66 -13.32 -7.41
N PRO A 9 18.75 -13.74 -8.67
CA PRO A 9 20.05 -13.70 -9.36
C PRO A 9 20.61 -12.30 -9.47
N GLY A 10 21.95 -12.23 -9.51
CA GLY A 10 22.66 -10.98 -9.75
C GLY A 10 22.43 -9.87 -8.76
N ALA A 11 22.04 -10.19 -7.53
CA ALA A 11 21.84 -9.19 -6.50
C ALA A 11 23.06 -8.99 -5.61
N GLY A 12 24.05 -9.88 -5.70
CA GLY A 12 25.25 -9.77 -4.89
C GLY A 12 25.47 -10.98 -4.01
N LYS A 13 24.67 -12.03 -4.20
CA LYS A 13 24.86 -13.25 -3.43
C LYS A 13 26.24 -13.85 -3.69
N THR A 14 26.68 -13.84 -4.95
CA THR A 14 28.01 -14.37 -5.26
C THR A 14 29.09 -13.55 -4.56
N THR A 15 28.88 -12.24 -4.47
CA THR A 15 29.83 -11.39 -3.77
C THR A 15 29.93 -11.81 -2.31
N VAL A 16 28.78 -12.04 -1.68
CA VAL A 16 28.77 -12.48 -0.29
C VAL A 16 29.45 -13.84 -0.14
N CYS A 17 29.21 -14.75 -1.07
CA CYS A 17 29.83 -16.07 -0.98
C CYS A 17 31.35 -15.99 -1.08
N ASN A 18 31.85 -15.27 -2.10
CA ASN A 18 33.28 -15.13 -2.26
C ASN A 18 33.90 -14.43 -1.06
N LYS A 19 33.22 -13.40 -0.52
CA LYS A 19 33.75 -12.66 0.62
C LYS A 19 33.67 -13.48 1.90
N LEU A 20 32.69 -14.37 2.00
CA LEU A 20 32.62 -15.29 3.13
C LEU A 20 33.82 -16.24 3.13
N ALA A 21 34.19 -16.75 1.95
CA ALA A 21 35.30 -17.71 1.90
C ALA A 21 36.59 -17.16 2.51
N GLU A 22 36.89 -15.88 2.30
CA GLU A 22 38.10 -15.28 2.85
C GLU A 22 38.03 -15.20 4.37
N LYS A 23 36.89 -14.73 4.89
CA LYS A 23 36.82 -14.34 6.30
C LYS A 23 36.67 -15.54 7.22
N MET A 24 36.02 -16.62 6.77
CA MET A 24 35.84 -17.81 7.57
C MET A 24 36.83 -18.91 7.18
N SER A 25 37.48 -19.49 8.19
CA SER A 25 38.29 -20.69 8.02
C SER A 25 37.52 -21.95 8.40
N ASN A 26 37.91 -23.05 7.75
CA ASN A 26 37.24 -24.35 7.83
C ASN A 26 35.74 -24.21 7.55
N LEU A 27 35.43 -23.36 6.58
CA LEU A 27 34.09 -23.10 6.09
C LEU A 27 34.16 -23.38 4.60
N SER A 28 33.21 -24.13 4.08
CA SER A 28 33.19 -24.43 2.66
C SER A 28 32.14 -23.57 1.98
N VAL A 29 32.59 -22.80 1.00
CA VAL A 29 31.75 -21.99 0.13
C VAL A 29 31.76 -22.70 -1.21
N VAL A 30 30.59 -23.07 -1.68
CA VAL A 30 30.47 -23.88 -2.89
C VAL A 30 29.21 -23.46 -3.64
N ASN A 31 29.30 -23.46 -4.97
CA ASN A 31 28.17 -23.11 -5.82
C ASN A 31 27.59 -24.37 -6.44
N TYR A 32 26.32 -24.63 -6.13
CA TYR A 32 25.66 -25.86 -6.58
C TYR A 32 25.71 -26.00 -8.09
N GLY A 33 25.40 -24.92 -8.81
CA GLY A 33 25.43 -25.00 -10.27
C GLY A 33 26.78 -25.42 -10.80
N ASP A 34 27.85 -24.98 -10.15
CA ASP A 34 29.20 -25.32 -10.61
C ASP A 34 29.49 -26.81 -10.42
N VAL A 35 29.08 -27.37 -9.27
CA VAL A 35 29.27 -28.81 -9.06
C VAL A 35 28.44 -29.61 -10.05
N ILE A 36 27.22 -29.14 -10.34
CA ILE A 36 26.39 -29.80 -11.34
C ILE A 36 27.11 -29.79 -12.69
N PHE A 37 27.69 -28.65 -13.06
CA PHE A 37 28.43 -28.54 -14.31
C PHE A 37 29.61 -29.51 -14.35
N GLU A 38 30.37 -29.58 -13.26
CA GLU A 38 31.53 -30.46 -13.23
C GLU A 38 31.13 -31.92 -13.38
N GLU A 39 30.14 -32.36 -12.60
CA GLU A 39 29.74 -33.76 -12.67
C GLU A 39 29.07 -34.07 -14.02
N ALA A 40 28.44 -33.08 -14.66
CA ALA A 40 27.85 -33.31 -15.97
C ALA A 40 28.92 -33.48 -17.03
N LYS A 41 30.01 -32.70 -16.93
CA LYS A 41 31.14 -32.92 -17.83
C LYS A 41 31.78 -34.29 -17.58
N LYS A 42 31.92 -34.67 -16.30
CA LYS A 42 32.56 -35.94 -15.98
C LYS A 42 31.75 -37.12 -16.52
N LEU A 43 30.44 -37.11 -16.31
CA LEU A 43 29.62 -38.26 -16.70
C LEU A 43 29.24 -38.22 -18.18
N TYR A 44 29.12 -37.03 -18.77
CA TYR A 44 28.84 -36.86 -20.20
C TYR A 44 29.88 -35.93 -20.80
N PRO A 45 31.14 -36.37 -20.88
CA PRO A 45 32.18 -35.51 -21.47
C PRO A 45 31.88 -35.17 -22.90
N SER A 46 31.21 -36.09 -23.60
CA SER A 46 30.94 -35.92 -25.02
C SER A 46 30.12 -34.66 -25.27
N ILE A 47 29.07 -34.46 -24.48
CA ILE A 47 28.06 -33.46 -24.77
C ILE A 47 28.30 -32.15 -24.03
N ILE A 48 28.78 -32.22 -22.80
CA ILE A 48 28.80 -31.08 -21.90
C ILE A 48 30.16 -30.39 -22.02
N GLN A 49 30.15 -29.18 -22.60
CA GLN A 49 31.33 -28.34 -22.65
C GLN A 49 31.13 -27.01 -21.93
N VAL A 50 30.00 -26.34 -22.15
CA VAL A 50 29.68 -25.11 -21.43
C VAL A 50 28.62 -25.42 -20.39
N ARG A 51 28.55 -24.57 -19.36
CA ARG A 51 27.65 -24.84 -18.23
C ARG A 51 26.20 -24.62 -18.61
N GLU A 52 25.92 -24.01 -19.76
CA GLU A 52 24.55 -23.94 -20.24
C GLU A 52 24.07 -25.28 -20.76
N ASP A 53 25.00 -26.19 -21.07
CA ASP A 53 24.64 -27.49 -21.60
C ASP A 53 23.81 -28.30 -20.62
N THR A 54 23.90 -28.01 -19.32
CA THR A 54 23.07 -28.70 -18.34
C THR A 54 21.59 -28.50 -18.66
N ARG A 55 21.24 -27.39 -19.30
CA ARG A 55 19.85 -27.18 -19.70
C ARG A 55 19.35 -28.30 -20.59
N LYS A 56 20.19 -28.75 -21.51
CA LYS A 56 19.73 -29.58 -22.62
C LYS A 56 19.55 -31.05 -22.30
N LEU A 57 20.13 -31.54 -21.21
CA LEU A 57 20.10 -32.97 -20.93
C LEU A 57 18.69 -33.45 -20.62
N PRO A 58 18.45 -34.76 -20.74
CA PRO A 58 17.16 -35.31 -20.28
C PRO A 58 16.99 -35.09 -18.79
N ARG A 59 15.77 -34.79 -18.37
CA ARG A 59 15.52 -34.44 -16.98
C ARG A 59 15.87 -35.58 -16.02
N ALA A 60 15.75 -36.84 -16.47
CA ALA A 60 16.16 -37.95 -15.61
C ALA A 60 17.66 -37.93 -15.38
N ASP A 61 18.45 -37.77 -16.45
CA ASP A 61 19.89 -37.69 -16.32
C ASP A 61 20.31 -36.46 -15.52
N TYR A 62 19.64 -35.33 -15.75
CA TYR A 62 19.96 -34.12 -15.00
C TYR A 62 19.66 -34.31 -13.52
N ARG A 63 18.54 -34.97 -13.18
CA ARG A 63 18.24 -35.21 -11.78
C ARG A 63 19.23 -36.18 -11.16
N ASN A 64 19.65 -37.20 -11.91
CA ASN A 64 20.70 -38.09 -11.42
C ASN A 64 21.98 -37.32 -11.14
N ILE A 65 22.34 -36.39 -12.03
CA ILE A 65 23.54 -35.58 -11.81
C ILE A 65 23.36 -34.66 -10.61
N GLN A 66 22.16 -34.11 -10.43
CA GLN A 66 21.89 -33.31 -9.24
C GLN A 66 22.09 -34.13 -7.99
N ILE A 67 21.63 -35.38 -7.99
CA ILE A 67 21.85 -36.25 -6.84
C ILE A 67 23.34 -36.48 -6.62
N GLU A 68 24.09 -36.75 -7.70
CA GLU A 68 25.52 -36.99 -7.55
C GLU A 68 26.22 -35.76 -6.98
N ALA A 69 25.82 -34.57 -7.43
CA ALA A 69 26.40 -33.35 -6.88
C ALA A 69 26.03 -33.19 -5.42
N ALA A 70 24.80 -33.56 -5.07
CA ALA A 70 24.40 -33.51 -3.66
C ALA A 70 25.26 -34.45 -2.83
N LYS A 71 25.60 -35.62 -3.38
CA LYS A 71 26.51 -36.53 -2.67
C LYS A 71 27.89 -35.89 -2.52
N LYS A 72 28.46 -35.36 -3.61
CA LYS A 72 29.78 -34.72 -3.52
C LYS A 72 29.78 -33.63 -2.46
N ILE A 73 28.71 -32.83 -2.40
CA ILE A 73 28.58 -31.79 -1.37
C ILE A 73 28.41 -32.43 0.00
N GLY A 74 27.75 -33.59 0.05
CA GLY A 74 27.32 -34.12 1.32
C GLY A 74 28.44 -34.43 2.29
N LEU A 75 29.61 -34.83 1.80
CA LEU A 75 30.71 -35.21 2.69
C LEU A 75 31.83 -34.18 2.83
N ILE A 76 31.69 -32.97 2.27
CA ILE A 76 32.84 -32.07 2.19
C ILE A 76 33.40 -31.77 3.59
N THR A 77 32.66 -31.02 4.41
CA THR A 77 33.21 -30.71 5.72
C THR A 77 32.10 -30.54 6.75
N ASP A 78 32.45 -29.88 7.85
CA ASP A 78 31.51 -29.58 8.93
C ASP A 78 30.75 -28.31 8.61
N ASN A 79 31.45 -27.22 8.32
CA ASN A 79 30.82 -25.96 7.95
C ASN A 79 30.71 -25.82 6.43
N LEU A 80 29.47 -25.72 5.94
CA LEU A 80 29.17 -25.60 4.53
C LEU A 80 28.31 -24.38 4.33
N ILE A 81 28.44 -23.78 3.15
CA ILE A 81 27.55 -22.71 2.68
C ILE A 81 27.30 -23.03 1.22
N VAL A 82 26.07 -23.42 0.89
CA VAL A 82 25.74 -23.89 -0.45
C VAL A 82 25.00 -22.78 -1.18
N ASP A 83 25.67 -22.21 -2.18
CA ASP A 83 25.12 -21.11 -2.98
C ASP A 83 24.32 -21.68 -4.14
N THR A 84 23.00 -21.64 -4.03
CA THR A 84 22.14 -22.08 -5.12
C THR A 84 20.95 -21.12 -5.16
N HIS A 85 19.87 -21.54 -5.83
CA HIS A 85 18.69 -20.71 -6.02
C HIS A 85 17.45 -21.50 -5.64
N MET A 86 16.65 -20.94 -4.74
CA MET A 86 15.35 -21.55 -4.43
C MET A 86 14.60 -21.84 -5.71
N SER A 87 14.59 -20.88 -6.64
CA SER A 87 13.80 -20.97 -7.85
C SER A 87 14.43 -20.07 -8.89
N LEU A 88 14.30 -20.49 -10.14
CA LEU A 88 14.74 -19.71 -11.29
C LEU A 88 13.54 -19.50 -12.19
N LYS A 89 13.43 -18.29 -12.75
CA LYS A 89 12.31 -17.95 -13.62
C LYS A 89 12.59 -18.39 -15.05
N THR A 90 11.57 -18.99 -15.69
CA THR A 90 11.65 -19.48 -17.06
C THR A 90 10.38 -19.08 -17.78
N PRO A 91 10.34 -19.19 -19.11
CA PRO A 91 9.08 -18.89 -19.83
C PRO A 91 7.90 -19.72 -19.35
N TYR A 92 8.13 -20.92 -18.83
CA TYR A 92 7.05 -21.78 -18.36
C TYR A 92 6.69 -21.51 -16.91
N GLY A 93 7.33 -20.54 -16.27
CA GLY A 93 7.10 -20.22 -14.87
C GLY A 93 8.35 -20.41 -14.04
N PHE A 94 8.17 -20.39 -12.72
CA PHE A 94 9.27 -20.62 -11.80
C PHE A 94 9.54 -22.11 -11.69
N TYR A 95 10.82 -22.48 -11.54
CA TYR A 95 11.22 -23.87 -11.39
C TYR A 95 12.21 -24.01 -10.25
N PRO A 96 12.04 -25.01 -9.38
CA PRO A 96 12.95 -25.12 -8.23
C PRO A 96 14.33 -25.62 -8.63
N GLY A 97 15.35 -25.03 -8.02
CA GLY A 97 16.71 -25.48 -8.27
C GLY A 97 17.05 -26.73 -7.49
N LEU A 98 16.43 -26.90 -6.34
CA LEU A 98 16.65 -28.08 -5.50
C LEU A 98 15.59 -29.15 -5.79
N ILE A 99 15.99 -30.41 -5.59
CA ILE A 99 15.06 -31.53 -5.57
C ILE A 99 15.07 -32.07 -4.15
N PRO A 100 14.02 -32.78 -3.70
CA PRO A 100 14.01 -33.25 -2.30
C PRO A 100 15.27 -34.03 -1.93
N GLU A 101 15.79 -34.82 -2.87
CA GLU A 101 16.99 -35.59 -2.61
C GLU A 101 18.15 -34.68 -2.20
N THR A 102 18.24 -33.49 -2.79
CA THR A 102 19.35 -32.59 -2.46
C THR A 102 19.37 -32.26 -0.97
N ILE A 103 18.20 -31.92 -0.41
CA ILE A 103 18.14 -31.59 1.00
C ILE A 103 18.35 -32.84 1.86
N ASN A 104 17.68 -33.95 1.50
CA ASN A 104 17.88 -35.17 2.27
C ASN A 104 19.35 -35.54 2.35
N ILE A 105 20.11 -35.26 1.29
CA ILE A 105 21.53 -35.61 1.26
C ILE A 105 22.36 -34.60 2.04
N ILE A 106 22.22 -33.31 1.71
CA ILE A 106 23.03 -32.30 2.36
C ILE A 106 22.62 -32.13 3.81
N GLN A 107 21.37 -32.48 4.15
CA GLN A 107 20.84 -32.31 5.49
C GLN A 107 21.23 -30.95 6.04
N PRO A 108 20.78 -29.87 5.41
CA PRO A 108 21.18 -28.53 5.87
C PRO A 108 20.55 -28.19 7.22
N ASP A 109 21.34 -27.53 8.06
CA ASP A 109 20.82 -26.99 9.30
C ASP A 109 19.82 -25.89 9.02
N GLY A 110 20.07 -25.08 8.00
CA GLY A 110 19.14 -24.00 7.71
C GLY A 110 19.19 -23.53 6.28
N ILE A 111 18.20 -22.71 5.93
CA ILE A 111 18.16 -22.00 4.65
C ILE A 111 18.22 -20.52 4.96
N ILE A 112 18.93 -19.77 4.13
CA ILE A 112 19.12 -18.34 4.29
C ILE A 112 18.62 -17.66 3.02
N LEU A 113 17.80 -16.63 3.18
CA LEU A 113 17.25 -15.86 2.07
C LEU A 113 17.74 -14.43 2.19
N LEU A 114 18.52 -13.98 1.21
CA LEU A 114 18.94 -12.59 1.14
C LEU A 114 17.86 -11.81 0.40
N GLU A 115 17.13 -10.94 1.12
CA GLU A 115 16.03 -10.20 0.51
C GLU A 115 16.43 -8.74 0.31
N PHE A 116 16.56 -8.31 -0.94
CA PHE A 116 16.99 -6.97 -1.28
C PHE A 116 15.78 -6.12 -1.70
N ASN A 117 16.03 -4.81 -1.89
CA ASN A 117 15.01 -3.94 -2.47
C ASN A 117 15.07 -4.02 -3.99
N PRO A 118 13.92 -4.04 -4.66
CA PRO A 118 13.94 -4.21 -6.12
C PRO A 118 14.74 -3.14 -6.84
N ARG A 119 14.73 -1.89 -6.36
CA ARG A 119 15.48 -0.83 -7.00
C ARG A 119 16.98 -1.12 -6.94
N ASP A 120 17.48 -1.55 -5.78
CA ASP A 120 18.88 -1.94 -5.68
C ASP A 120 19.20 -3.09 -6.60
N VAL A 121 18.29 -4.06 -6.71
CA VAL A 121 18.55 -5.20 -7.58
C VAL A 121 18.67 -4.73 -9.02
N ILE A 122 17.77 -3.87 -9.47
CA ILE A 122 17.83 -3.38 -10.85
C ILE A 122 19.13 -2.61 -11.08
N ALA A 123 19.45 -1.66 -10.19
CA ALA A 123 20.66 -0.86 -10.39
C ALA A 123 21.92 -1.72 -10.35
N ARG A 124 21.97 -2.73 -9.47
CA ARG A 124 23.12 -3.60 -9.39
C ARG A 124 23.23 -4.49 -10.62
N ARG A 125 22.12 -5.01 -11.12
CA ARG A 125 22.15 -5.84 -12.32
C ARG A 125 22.61 -5.01 -13.52
N GLU A 126 22.16 -3.76 -13.61
CA GLU A 126 22.61 -2.90 -14.72
C GLU A 126 24.08 -2.51 -14.56
N LYS A 127 24.51 -2.22 -13.32
CA LYS A 127 25.93 -1.98 -13.04
C LYS A 127 26.79 -3.14 -13.52
N ASP A 128 26.39 -4.37 -13.19
CA ASP A 128 27.18 -5.54 -13.57
C ASP A 128 27.08 -5.80 -15.06
N ARG A 129 25.91 -5.54 -15.66
CA ARG A 129 25.78 -5.71 -17.10
C ARG A 129 26.76 -4.78 -17.82
N LEU A 130 26.82 -3.53 -17.37
CA LEU A 130 27.71 -2.55 -18.00
C LEU A 130 29.18 -2.91 -17.78
N ALA A 131 29.52 -3.43 -16.60
CA ALA A 131 30.88 -3.90 -16.38
C ALA A 131 31.21 -5.18 -17.15
N GLY A 132 30.20 -5.85 -17.73
CA GLY A 132 30.43 -7.08 -18.47
C GLY A 132 30.18 -8.32 -17.64
N ASP A 138 17.49 -10.21 -19.74
CA ASP A 138 16.18 -9.66 -19.42
C ASP A 138 16.27 -8.63 -18.29
N MET A 139 15.53 -7.56 -18.43
CA MET A 139 15.49 -6.46 -17.47
C MET A 139 14.14 -6.56 -16.76
N GLU A 140 14.14 -7.16 -15.57
CA GLU A 140 12.88 -7.36 -14.86
C GLU A 140 12.42 -6.05 -14.24
N SER A 141 11.16 -6.02 -13.81
CA SER A 141 10.53 -4.86 -13.20
C SER A 141 10.43 -5.06 -11.69
N GLU A 142 10.16 -3.95 -10.99
CA GLU A 142 10.06 -4.02 -9.54
C GLU A 142 9.12 -5.14 -9.11
N THR A 143 7.96 -5.23 -9.75
CA THR A 143 6.96 -6.21 -9.35
C THR A 143 7.42 -7.63 -9.65
N ASP A 144 8.07 -7.85 -10.80
CA ASP A 144 8.62 -9.17 -11.09
C ASP A 144 9.54 -9.64 -9.96
N ILE A 145 10.36 -8.72 -9.44
CA ILE A 145 11.35 -9.09 -8.44
C ILE A 145 10.72 -9.29 -7.06
N LEU A 146 9.77 -8.42 -6.68
CA LEU A 146 9.05 -8.66 -5.44
C LEU A 146 8.36 -10.02 -5.47
N LEU A 147 7.75 -10.37 -6.61
CA LEU A 147 7.19 -11.71 -6.77
C LEU A 147 8.26 -12.78 -6.57
N HIS A 148 9.33 -12.73 -7.37
CA HIS A 148 10.42 -13.71 -7.29
C HIS A 148 10.85 -13.91 -5.85
N GLN A 149 10.92 -12.83 -5.08
CA GLN A 149 11.39 -12.93 -3.70
C GLN A 149 10.36 -13.58 -2.80
N GLN A 150 9.09 -13.20 -2.91
CA GLN A 150 8.06 -13.86 -2.11
C GLN A 150 7.95 -15.35 -2.45
N VAL A 151 8.16 -15.70 -3.73
CA VAL A 151 8.09 -17.10 -4.14
C VAL A 151 9.27 -17.88 -3.57
N ASN A 152 10.48 -17.29 -3.62
CA ASN A 152 11.60 -17.89 -2.92
C ASN A 152 11.25 -18.14 -1.46
N ARG A 153 10.56 -17.18 -0.83
CA ARG A 153 10.15 -17.33 0.56
C ARG A 153 9.25 -18.55 0.74
N MET A 154 8.23 -18.67 -0.10
CA MET A 154 7.31 -19.80 0.02
C MET A 154 8.05 -21.13 -0.19
N PHE A 155 8.95 -21.18 -1.17
CA PHE A 155 9.70 -22.41 -1.42
C PHE A 155 10.50 -22.82 -0.20
N ALA A 156 11.23 -21.87 0.40
CA ALA A 156 12.06 -22.20 1.55
C ALA A 156 11.19 -22.68 2.71
N VAL A 157 10.03 -22.05 2.92
CA VAL A 157 9.18 -22.45 4.03
C VAL A 157 8.65 -23.87 3.80
N SER A 158 8.36 -24.21 2.54
CA SER A 158 7.93 -25.57 2.23
C SER A 158 9.04 -26.55 2.54
N TYR A 159 10.26 -26.25 2.07
CA TYR A 159 11.40 -27.11 2.35
C TYR A 159 11.61 -27.27 3.85
N SER A 160 11.35 -26.21 4.63
CA SER A 160 11.48 -26.30 6.07
C SER A 160 10.43 -27.22 6.68
N ALA A 161 9.18 -27.04 6.26
CA ALA A 161 8.11 -27.91 6.75
C ALA A 161 8.42 -29.38 6.45
N ILE A 162 9.09 -29.64 5.32
CA ILE A 162 9.39 -31.02 4.96
C ILE A 162 10.55 -31.58 5.77
N ASN A 163 11.66 -30.84 5.87
CA ASN A 163 12.88 -31.39 6.43
C ASN A 163 13.24 -30.87 7.81
N GLN A 164 12.41 -30.01 8.40
CA GLN A 164 12.64 -29.46 9.74
C GLN A 164 14.03 -28.80 9.82
N CYS A 165 14.16 -27.71 9.08
CA CYS A 165 15.35 -26.88 9.11
C CYS A 165 14.93 -25.42 9.28
N TYR A 166 15.88 -24.59 9.69
CA TYR A 166 15.59 -23.19 9.97
C TYR A 166 15.35 -22.42 8.67
N VAL A 167 14.61 -21.32 8.80
CA VAL A 167 14.40 -20.37 7.70
C VAL A 167 14.82 -19.01 8.23
N LYS A 168 15.93 -18.48 7.69
CA LYS A 168 16.53 -17.25 8.16
C LYS A 168 16.43 -16.23 7.02
N ILE A 169 15.74 -15.14 7.27
CA ILE A 169 15.51 -14.10 6.27
C ILE A 169 16.37 -12.89 6.65
N ILE A 170 17.40 -12.63 5.85
CA ILE A 170 18.28 -11.49 6.08
C ILE A 170 17.79 -10.31 5.24
N ASP A 171 17.40 -9.22 5.93
CA ASP A 171 16.83 -8.03 5.30
C ASP A 171 17.96 -7.12 4.83
N LEU A 172 17.98 -6.83 3.52
CA LEU A 172 18.93 -5.90 2.92
C LEU A 172 18.18 -4.89 2.07
N THR A 173 16.91 -4.62 2.41
CA THR A 173 16.07 -3.70 1.68
C THR A 173 16.27 -2.25 2.07
N TRP A 174 17.01 -1.98 3.15
CA TRP A 174 17.24 -0.61 3.56
C TRP A 174 18.22 0.08 2.62
N PRO A 175 18.24 1.41 2.62
CA PRO A 175 19.12 2.13 1.70
C PRO A 175 20.57 2.05 2.15
N GLN A 176 21.47 1.93 1.17
CA GLN A 176 22.90 1.82 1.46
C GLN A 176 23.47 3.19 1.81
N GLU A 177 24.09 3.31 2.99
CA GLU A 177 24.84 4.51 3.34
C GLU A 177 26.17 4.61 2.60
N TYR A 178 26.72 3.48 2.15
CA TYR A 178 27.94 3.42 1.35
C TYR A 178 27.89 2.14 0.55
N GLU A 179 28.49 2.15 -0.64
CA GLU A 179 28.38 0.97 -1.49
C GLU A 179 29.01 -0.23 -0.79
N PHE A 180 28.41 -1.40 -0.99
CA PHE A 180 28.86 -2.67 -0.44
C PHE A 180 28.53 -2.84 1.03
N GLN A 181 27.57 -2.05 1.55
CA GLN A 181 27.12 -2.25 2.92
C GLN A 181 26.18 -3.44 3.04
N HIS A 182 25.36 -3.68 2.02
CA HIS A 182 24.53 -4.89 2.00
C HIS A 182 25.38 -6.13 2.16
N THR A 183 26.42 -6.26 1.33
CA THR A 183 27.29 -7.43 1.37
C THR A 183 27.92 -7.60 2.74
N GLU A 184 28.45 -6.51 3.29
CA GLU A 184 29.09 -6.57 4.60
C GLU A 184 28.10 -7.00 5.69
N TYR A 185 26.92 -6.37 5.71
CA TYR A 185 25.95 -6.70 6.74
C TYR A 185 25.55 -8.17 6.66
N ALA A 186 25.32 -8.68 5.44
CA ALA A 186 24.94 -10.08 5.28
C ALA A 186 26.06 -10.99 5.78
N VAL A 187 27.30 -10.69 5.38
CA VAL A 187 28.42 -11.51 5.82
C VAL A 187 28.51 -11.52 7.34
N ASN A 188 28.35 -10.36 7.97
CA ASN A 188 28.48 -10.28 9.41
C ASN A 188 27.37 -11.04 10.11
N LYS A 189 26.13 -10.91 9.64
CA LYS A 189 25.05 -11.68 10.23
C LYS A 189 25.29 -13.18 10.10
N ILE A 190 25.73 -13.62 8.92
CA ILE A 190 25.97 -15.05 8.71
C ILE A 190 27.06 -15.56 9.65
N ILE A 191 28.15 -14.80 9.77
CA ILE A 191 29.24 -15.20 10.65
C ILE A 191 28.74 -15.29 12.09
N GLU A 192 28.18 -14.19 12.60
CA GLU A 192 27.52 -14.16 13.89
C GLU A 192 26.68 -15.40 14.11
N MET A 193 25.93 -15.80 13.08
CA MET A 193 25.05 -16.96 13.22
C MET A 193 25.83 -18.27 13.38
N LEU A 194 26.90 -18.45 12.62
CA LEU A 194 27.59 -19.74 12.65
C LEU A 194 28.27 -20.00 13.99
N ASN A 195 28.93 -18.99 14.57
CA ASN A 195 29.73 -19.16 15.78
C ASN A 195 28.93 -18.92 17.06
N PHE A 196 27.66 -19.29 17.11
CA PHE A 196 26.85 -19.02 18.28
C PHE A 196 27.07 -20.05 19.39
N MET B 1 -14.12 -33.82 16.24
CA MET B 1 -13.12 -33.35 15.24
C MET B 1 -11.83 -32.87 15.92
N ARG B 2 -10.75 -32.80 15.16
CA ARG B 2 -9.43 -32.48 15.68
C ARG B 2 -8.84 -31.32 14.90
N PHE B 3 -8.50 -30.25 15.61
CA PHE B 3 -7.94 -29.03 15.03
C PHE B 3 -6.72 -28.59 15.82
N ILE B 4 -5.65 -28.27 15.10
CA ILE B 4 -4.46 -27.69 15.69
C ILE B 4 -4.61 -26.17 15.66
N LEU B 5 -4.60 -25.53 16.83
CA LEU B 5 -4.81 -24.09 16.95
C LEU B 5 -3.48 -23.37 17.11
N THR B 6 -3.28 -22.32 16.30
CA THR B 6 -2.01 -21.60 16.31
C THR B 6 -2.21 -20.09 16.19
N GLY B 7 -1.16 -19.37 16.56
CA GLY B 7 -1.11 -17.92 16.47
C GLY B 7 0.27 -17.50 16.92
N VAL B 8 0.54 -16.21 16.75
CA VAL B 8 1.81 -15.66 17.23
C VAL B 8 1.81 -15.56 18.75
N PRO B 9 2.97 -15.68 19.39
CA PRO B 9 3.00 -15.77 20.86
C PRO B 9 2.39 -14.55 21.54
N GLY B 10 1.86 -14.79 22.73
CA GLY B 10 1.38 -13.71 23.57
C GLY B 10 0.35 -12.83 22.90
N ALA B 11 -0.35 -13.35 21.91
CA ALA B 11 -1.38 -12.60 21.21
C ALA B 11 -2.78 -12.84 21.74
N GLY B 12 -2.96 -13.86 22.59
CA GLY B 12 -4.28 -14.15 23.14
C GLY B 12 -4.78 -15.54 22.76
N LYS B 13 -3.92 -16.34 22.13
CA LYS B 13 -4.32 -17.70 21.79
C LYS B 13 -4.61 -18.53 23.04
N THR B 14 -3.77 -18.40 24.07
CA THR B 14 -4.00 -19.16 25.29
C THR B 14 -5.31 -18.75 25.97
N THR B 15 -5.66 -17.47 25.90
CA THR B 15 -6.94 -17.03 26.45
C THR B 15 -8.10 -17.70 25.72
N VAL B 16 -8.03 -17.75 24.39
CA VAL B 16 -9.06 -18.43 23.62
C VAL B 16 -9.14 -19.89 24.01
N CYS B 17 -7.98 -20.52 24.25
CA CYS B 17 -7.97 -21.92 24.67
C CYS B 17 -8.68 -22.10 26.01
N ASN B 18 -8.35 -21.24 26.97
CA ASN B 18 -8.99 -21.32 28.29
C ASN B 18 -10.50 -21.14 28.17
N LYS B 19 -10.94 -20.19 27.36
CA LYS B 19 -12.38 -19.92 27.25
C LYS B 19 -13.10 -21.04 26.50
N LEU B 20 -12.45 -21.65 25.52
CA LEU B 20 -13.04 -22.80 24.84
C LEU B 20 -13.19 -23.97 25.80
N ALA B 21 -12.14 -24.26 26.57
CA ALA B 21 -12.22 -25.36 27.54
C ALA B 21 -13.38 -25.12 28.50
N GLU B 22 -13.62 -23.85 28.88
CA GLU B 22 -14.75 -23.58 29.76
C GLU B 22 -16.09 -23.85 29.05
N LYS B 23 -16.29 -23.25 27.87
CA LYS B 23 -17.64 -23.21 27.32
C LYS B 23 -18.00 -24.53 26.65
N MET B 24 -17.00 -25.27 26.17
CA MET B 24 -17.24 -26.46 25.38
C MET B 24 -17.19 -27.73 26.21
N SER B 25 -18.20 -28.58 26.04
CA SER B 25 -18.20 -29.92 26.61
C SER B 25 -18.09 -30.96 25.48
N ASN B 26 -17.62 -32.15 25.85
CA ASN B 26 -17.26 -33.25 24.95
C ASN B 26 -16.08 -32.87 24.04
N LEU B 27 -15.37 -31.82 24.43
CA LEU B 27 -14.14 -31.38 23.78
C LEU B 27 -13.09 -31.15 24.86
N SER B 28 -11.94 -31.80 24.73
CA SER B 28 -10.81 -31.66 25.63
C SER B 28 -9.68 -30.94 24.90
N VAL B 29 -9.16 -29.87 25.53
CA VAL B 29 -8.11 -29.02 24.97
C VAL B 29 -6.80 -29.33 25.67
N VAL B 30 -5.68 -29.18 24.94
CA VAL B 30 -4.37 -29.51 25.48
C VAL B 30 -3.31 -28.58 24.90
N ASN B 31 -2.28 -28.29 25.70
CA ASN B 31 -1.14 -27.47 25.27
C ASN B 31 0.06 -28.37 24.97
N TYR B 32 0.52 -28.32 23.72
CA TYR B 32 1.61 -29.20 23.28
C TYR B 32 2.87 -28.98 24.10
N GLY B 33 3.24 -27.71 24.31
CA GLY B 33 4.46 -27.43 25.07
C GLY B 33 4.42 -28.03 26.47
N ASP B 34 3.26 -27.99 27.10
CA ASP B 34 3.14 -28.52 28.45
C ASP B 34 3.35 -30.03 28.48
N VAL B 35 2.77 -30.75 27.52
CA VAL B 35 2.96 -32.20 27.46
C VAL B 35 4.42 -32.53 27.18
N ILE B 36 5.07 -31.76 26.30
CA ILE B 36 6.50 -31.98 26.07
C ILE B 36 7.27 -31.80 27.39
N PHE B 37 6.93 -30.76 28.15
CA PHE B 37 7.57 -30.53 29.44
C PHE B 37 7.35 -31.71 30.37
N GLU B 38 6.11 -32.22 30.42
CA GLU B 38 5.81 -33.33 31.31
C GLU B 38 6.62 -34.57 30.96
N GLU B 39 6.62 -34.94 29.67
CA GLU B 39 7.37 -36.11 29.26
C GLU B 39 8.88 -35.91 29.42
N ALA B 40 9.36 -34.66 29.32
CA ALA B 40 10.78 -34.40 29.51
C ALA B 40 11.19 -34.57 30.96
N LYS B 41 10.32 -34.12 31.89
CA LYS B 41 10.56 -34.41 33.29
C LYS B 41 10.44 -35.90 33.58
N LYS B 42 9.47 -36.57 32.96
CA LYS B 42 9.26 -38.00 33.17
C LYS B 42 10.47 -38.82 32.74
N LEU B 43 10.94 -38.62 31.51
CA LEU B 43 12.00 -39.45 30.98
C LEU B 43 13.39 -38.97 31.41
N TYR B 44 13.56 -37.67 31.63
CA TYR B 44 14.84 -37.11 32.06
C TYR B 44 14.67 -36.23 33.29
N PRO B 45 14.36 -36.84 34.44
CA PRO B 45 14.23 -36.05 35.68
C PRO B 45 15.51 -35.33 36.05
N SER B 46 16.66 -35.90 35.70
CA SER B 46 17.93 -35.33 36.10
C SER B 46 18.06 -33.90 35.62
N ILE B 47 17.70 -33.66 34.37
CA ILE B 47 17.98 -32.40 33.69
C ILE B 47 16.79 -31.46 33.74
N ILE B 48 15.58 -32.00 33.61
CA ILE B 48 14.40 -31.19 33.34
C ILE B 48 13.74 -30.84 34.67
N GLN B 49 13.83 -29.57 35.06
CA GLN B 49 13.11 -29.05 36.21
C GLN B 49 12.16 -27.94 35.79
N VAL B 50 12.63 -26.99 34.98
CA VAL B 50 11.80 -25.93 34.43
C VAL B 50 11.52 -26.29 32.98
N ARG B 51 10.43 -25.74 32.45
CA ARG B 51 10.01 -26.09 31.09
C ARG B 51 10.93 -25.50 30.03
N GLU B 52 11.80 -24.56 30.38
CA GLU B 52 12.83 -24.09 29.46
C GLU B 52 13.98 -25.08 29.32
N ASP B 53 14.10 -26.02 30.25
CA ASP B 53 15.22 -26.98 30.23
C ASP B 53 15.21 -27.88 29.00
N THR B 54 14.07 -28.03 28.33
CA THR B 54 14.03 -28.87 27.13
C THR B 54 15.06 -28.45 26.09
N ARG B 55 15.46 -27.17 26.11
CA ARG B 55 16.47 -26.68 25.18
C ARG B 55 17.75 -27.49 25.23
N LYS B 56 18.15 -27.93 26.43
CA LYS B 56 19.49 -28.49 26.60
C LYS B 56 19.63 -29.90 26.06
N LEU B 57 18.52 -30.62 25.84
CA LEU B 57 18.59 -32.01 25.43
C LEU B 57 19.19 -32.15 24.03
N PRO B 58 19.76 -33.32 23.72
CA PRO B 58 20.13 -33.59 22.33
C PRO B 58 18.89 -33.64 21.45
N ARG B 59 19.03 -33.16 20.22
CA ARG B 59 17.86 -33.06 19.35
C ARG B 59 17.20 -34.41 19.12
N ALA B 60 17.97 -35.50 19.17
CA ALA B 60 17.37 -36.83 19.04
C ALA B 60 16.43 -37.11 20.21
N ASP B 61 16.89 -36.84 21.43
CA ASP B 61 16.05 -37.06 22.60
C ASP B 61 14.82 -36.16 22.57
N TYR B 62 15.00 -34.89 22.18
CA TYR B 62 13.86 -33.98 22.11
C TYR B 62 12.84 -34.46 21.09
N ARG B 63 13.30 -34.99 19.96
CA ARG B 63 12.37 -35.49 18.96
C ARG B 63 11.64 -36.73 19.47
N ASN B 64 12.35 -37.61 20.18
CA ASN B 64 11.66 -38.74 20.80
C ASN B 64 10.59 -38.28 21.78
N ILE B 65 10.89 -37.23 22.55
CA ILE B 65 9.91 -36.73 23.51
C ILE B 65 8.70 -36.15 22.78
N GLN B 66 8.92 -35.43 21.68
CA GLN B 66 7.80 -34.92 20.89
C GLN B 66 6.94 -36.08 20.37
N ILE B 67 7.59 -37.17 19.93
CA ILE B 67 6.85 -38.36 19.46
C ILE B 67 5.97 -38.94 20.57
N GLU B 68 6.54 -39.13 21.76
CA GLU B 68 5.79 -39.68 22.88
C GLU B 68 4.63 -38.76 23.26
N ALA B 69 4.88 -37.45 23.25
CA ALA B 69 3.84 -36.48 23.60
C ALA B 69 2.69 -36.54 22.60
N ALA B 70 3.03 -36.68 21.31
CA ALA B 70 1.99 -36.80 20.29
C ALA B 70 1.18 -38.07 20.48
N LYS B 71 1.84 -39.16 20.91
CA LYS B 71 1.09 -40.39 21.14
C LYS B 71 0.02 -40.17 22.21
N LYS B 72 0.41 -39.64 23.37
CA LYS B 72 -0.60 -39.41 24.40
C LYS B 72 -1.69 -38.46 23.90
N ILE B 73 -1.30 -37.42 23.15
CA ILE B 73 -2.29 -36.46 22.67
C ILE B 73 -3.30 -37.16 21.76
N GLY B 74 -2.80 -37.97 20.83
CA GLY B 74 -3.67 -38.61 19.87
C GLY B 74 -4.64 -39.55 20.53
N LEU B 75 -4.22 -40.16 21.65
CA LEU B 75 -5.12 -41.09 22.29
C LEU B 75 -6.08 -40.36 23.21
N ILE B 76 -5.73 -39.15 23.62
CA ILE B 76 -6.37 -38.54 24.80
C ILE B 76 -7.89 -38.50 24.63
N THR B 77 -8.37 -38.02 23.49
CA THR B 77 -9.83 -38.02 23.36
C THR B 77 -10.30 -38.15 21.90
N ASP B 78 -11.62 -37.94 21.73
CA ASP B 78 -12.28 -37.96 20.43
C ASP B 78 -12.21 -36.57 19.79
N ASN B 79 -12.69 -35.55 20.49
CA ASN B 79 -12.58 -34.16 20.05
C ASN B 79 -11.39 -33.46 20.71
N LEU B 80 -10.51 -32.89 19.88
CA LEU B 80 -9.31 -32.25 20.39
C LEU B 80 -9.17 -30.81 19.91
N ILE B 81 -8.43 -30.03 20.68
CA ILE B 81 -7.91 -28.72 20.28
C ILE B 81 -6.50 -28.61 20.84
N VAL B 82 -5.50 -28.60 19.96
CA VAL B 82 -4.09 -28.67 20.35
C VAL B 82 -3.47 -27.29 20.20
N ASP B 83 -3.07 -26.69 21.31
CA ASP B 83 -2.47 -25.35 21.32
C ASP B 83 -0.98 -25.50 21.06
N THR B 84 -0.57 -25.20 19.83
CA THR B 84 0.85 -25.25 19.47
C THR B 84 1.14 -24.08 18.53
N HIS B 85 2.37 -24.04 18.00
CA HIS B 85 2.81 -22.95 17.15
C HIS B 85 3.31 -23.47 15.83
N MET B 86 2.82 -22.90 14.73
CA MET B 86 3.32 -23.29 13.42
C MET B 86 4.82 -23.13 13.34
N SER B 87 5.35 -22.02 13.86
CA SER B 87 6.76 -21.71 13.77
C SER B 87 7.11 -20.73 14.88
N LEU B 88 8.33 -20.86 15.38
CA LEU B 88 8.88 -19.98 16.40
C LEU B 88 10.18 -19.36 15.89
N LYS B 89 10.41 -18.10 16.24
CA LYS B 89 11.59 -17.36 15.81
C LYS B 89 12.76 -17.62 16.74
N THR B 90 13.94 -17.85 16.14
CA THR B 90 15.17 -18.12 16.87
C THR B 90 16.29 -17.31 16.23
N PRO B 91 17.45 -17.19 16.88
CA PRO B 91 18.58 -16.50 16.22
C PRO B 91 18.92 -17.09 14.86
N TYR B 92 18.63 -18.38 14.66
CA TYR B 92 18.93 -19.04 13.39
C TYR B 92 17.78 -18.96 12.37
N GLY B 93 16.69 -18.27 12.69
CA GLY B 93 15.57 -18.14 11.79
C GLY B 93 14.31 -18.75 12.37
N PHE B 94 13.30 -18.89 11.51
CA PHE B 94 12.07 -19.55 11.92
C PHE B 94 12.26 -21.06 11.91
N TYR B 95 11.62 -21.73 12.87
CA TYR B 95 11.70 -23.17 12.98
C TYR B 95 10.31 -23.72 13.24
N PRO B 96 9.92 -24.79 12.56
CA PRO B 96 8.57 -25.32 12.75
C PRO B 96 8.44 -25.94 14.12
N GLY B 97 7.29 -25.71 14.76
CA GLY B 97 7.04 -26.33 16.05
C GLY B 97 6.65 -27.78 15.91
N LEU B 98 6.00 -28.13 14.81
CA LEU B 98 5.60 -29.51 14.55
C LEU B 98 6.67 -30.22 13.72
N ILE B 99 6.78 -31.52 13.94
CA ILE B 99 7.57 -32.40 13.07
C ILE B 99 6.53 -33.27 12.36
N PRO B 100 6.87 -33.85 11.21
CA PRO B 100 5.85 -34.65 10.48
C PRO B 100 5.23 -35.74 11.34
N GLU B 101 6.02 -36.36 12.22
CA GLU B 101 5.49 -37.42 13.06
C GLU B 101 4.30 -36.94 13.89
N THR B 102 4.39 -35.70 14.39
CA THR B 102 3.31 -35.18 15.23
C THR B 102 1.98 -35.17 14.47
N ILE B 103 2.02 -34.69 13.22
CA ILE B 103 0.81 -34.61 12.43
C ILE B 103 0.33 -36.01 12.04
N ASN B 104 1.25 -36.86 11.55
CA ASN B 104 0.87 -38.22 11.19
C ASN B 104 0.21 -38.94 12.36
N ILE B 105 0.62 -38.63 13.58
CA ILE B 105 0.08 -39.30 14.75
C ILE B 105 -1.28 -38.69 15.12
N ILE B 106 -1.32 -37.37 15.27
CA ILE B 106 -2.55 -36.71 15.71
C ILE B 106 -3.59 -36.73 14.61
N GLN B 107 -3.16 -36.74 13.34
CA GLN B 107 -4.03 -36.70 12.16
C GLN B 107 -5.14 -35.67 12.39
N PRO B 108 -4.79 -34.39 12.53
CA PRO B 108 -5.83 -33.37 12.74
C PRO B 108 -6.70 -33.21 11.51
N ASP B 109 -8.00 -33.00 11.75
CA ASP B 109 -8.89 -32.65 10.66
C ASP B 109 -8.50 -31.30 10.06
N GLY B 110 -8.03 -30.37 10.89
CA GLY B 110 -7.66 -29.08 10.34
C GLY B 110 -6.65 -28.33 11.19
N ILE B 111 -6.14 -27.24 10.62
CA ILE B 111 -5.30 -26.29 11.34
C ILE B 111 -6.04 -24.95 11.34
N ILE B 112 -5.95 -24.23 12.46
CA ILE B 112 -6.61 -22.95 12.63
C ILE B 112 -5.55 -21.91 12.97
N LEU B 113 -5.59 -20.77 12.29
CA LEU B 113 -4.65 -19.68 12.52
C LEU B 113 -5.42 -18.44 12.98
N LEU B 114 -5.12 -17.97 14.18
CA LEU B 114 -5.65 -16.70 14.67
C LEU B 114 -4.73 -15.60 14.19
N GLU B 115 -5.20 -14.78 13.25
CA GLU B 115 -4.37 -13.72 12.66
C GLU B 115 -4.80 -12.37 13.21
N PHE B 116 -3.90 -11.73 13.96
CA PHE B 116 -4.20 -10.48 14.66
C PHE B 116 -3.61 -9.28 13.91
N ASN B 117 -3.97 -8.07 14.37
CA ASN B 117 -3.28 -6.89 13.87
C ASN B 117 -2.02 -6.64 14.68
N PRO B 118 -0.89 -6.30 14.05
CA PRO B 118 0.36 -6.16 14.82
C PRO B 118 0.27 -5.12 15.92
N ARG B 119 -0.48 -4.03 15.69
CA ARG B 119 -0.63 -3.02 16.72
C ARG B 119 -1.31 -3.60 17.96
N ASP B 120 -2.38 -4.38 17.72
CA ASP B 120 -3.07 -5.04 18.82
C ASP B 120 -2.12 -5.98 19.55
N VAL B 121 -1.29 -6.72 18.80
CA VAL B 121 -0.37 -7.66 19.43
C VAL B 121 0.65 -6.93 20.29
N ILE B 122 1.21 -5.83 19.79
CA ILE B 122 2.21 -5.08 20.56
C ILE B 122 1.57 -4.56 21.85
N ALA B 123 0.39 -3.95 21.73
CA ALA B 123 -0.23 -3.39 22.93
C ALA B 123 -0.58 -4.49 23.92
N ARG B 124 -1.05 -5.64 23.42
CA ARG B 124 -1.40 -6.75 24.31
C ARG B 124 -0.17 -7.35 24.97
N ARG B 125 0.93 -7.49 24.23
CA ARG B 125 2.15 -8.01 24.82
C ARG B 125 2.68 -7.10 25.92
N GLU B 126 2.64 -5.78 25.69
CA GLU B 126 3.10 -4.87 26.75
C GLU B 126 2.14 -4.88 27.94
N LYS B 127 0.83 -4.94 27.67
CA LYS B 127 -0.17 -5.08 28.73
C LYS B 127 0.11 -6.29 29.60
N ASP B 128 0.40 -7.44 28.98
CA ASP B 128 0.66 -8.65 29.77
C ASP B 128 1.99 -8.57 30.48
N ARG B 129 3.00 -7.96 29.87
CA ARG B 129 4.28 -7.80 30.55
C ARG B 129 4.10 -7.00 31.83
N LEU B 130 3.28 -5.95 31.78
CA LEU B 130 3.05 -5.12 32.96
C LEU B 130 2.34 -5.91 34.06
N ALA B 131 1.39 -6.77 33.67
CA ALA B 131 0.70 -7.64 34.62
C ALA B 131 1.62 -8.77 35.09
N ASP B 138 11.74 -9.94 24.15
CA ASP B 138 11.99 -8.99 23.08
C ASP B 138 10.71 -8.25 22.69
N MET B 139 10.89 -7.05 22.17
CA MET B 139 9.82 -6.14 21.75
C MET B 139 9.90 -6.08 20.23
N GLU B 140 9.09 -6.89 19.56
CA GLU B 140 9.13 -6.98 18.11
C GLU B 140 8.46 -5.75 17.50
N SER B 141 8.69 -5.54 16.20
CA SER B 141 8.14 -4.43 15.45
C SER B 141 7.02 -4.92 14.54
N GLU B 142 6.22 -3.96 14.04
CA GLU B 142 5.10 -4.33 13.18
C GLU B 142 5.55 -5.26 12.06
N THR B 143 6.69 -4.94 11.42
CA THR B 143 7.15 -5.76 10.30
C THR B 143 7.54 -7.16 10.75
N ASP B 144 8.21 -7.27 11.90
CA ASP B 144 8.55 -8.59 12.42
C ASP B 144 7.31 -9.47 12.57
N ILE B 145 6.22 -8.88 13.06
CA ILE B 145 5.02 -9.65 13.35
C ILE B 145 4.26 -9.99 12.07
N LEU B 146 4.16 -9.04 11.13
CA LEU B 146 3.56 -9.37 9.84
C LEU B 146 4.31 -10.51 9.18
N LEU B 147 5.64 -10.47 9.23
CA LEU B 147 6.44 -11.58 8.70
C LEU B 147 6.10 -12.89 9.40
N HIS B 148 6.19 -12.91 10.73
CA HIS B 148 5.89 -14.13 11.48
C HIS B 148 4.55 -14.73 11.09
N GLN B 149 3.53 -13.89 10.91
CA GLN B 149 2.20 -14.44 10.59
C GLN B 149 2.13 -14.93 9.15
N GLN B 150 2.72 -14.21 8.20
CA GLN B 150 2.77 -14.72 6.83
C GLN B 150 3.52 -16.04 6.77
N VAL B 151 4.54 -16.19 7.61
CA VAL B 151 5.31 -17.43 7.65
C VAL B 151 4.49 -18.55 8.26
N ASN B 152 3.77 -18.26 9.34
CA ASN B 152 2.81 -19.22 9.88
C ASN B 152 1.85 -19.67 8.77
N ARG B 153 1.39 -18.73 7.96
CA ARG B 153 0.49 -19.07 6.86
C ARG B 153 1.13 -20.06 5.90
N MET B 154 2.35 -19.75 5.45
CA MET B 154 3.02 -20.63 4.49
C MET B 154 3.23 -22.02 5.10
N PHE B 155 3.65 -22.08 6.37
CA PHE B 155 3.88 -23.37 7.02
C PHE B 155 2.58 -24.19 7.05
N ALA B 156 1.48 -23.55 7.45
CA ALA B 156 0.22 -24.29 7.54
C ALA B 156 -0.21 -24.81 6.17
N VAL B 157 -0.08 -23.99 5.12
CA VAL B 157 -0.49 -24.42 3.80
C VAL B 157 0.39 -25.58 3.33
N SER B 158 1.68 -25.56 3.67
CA SER B 158 2.57 -26.66 3.33
C SER B 158 2.13 -27.95 4.02
N TYR B 159 1.89 -27.88 5.33
CA TYR B 159 1.42 -29.05 6.06
C TYR B 159 0.12 -29.58 5.44
N SER B 160 -0.71 -28.67 4.94
CA SER B 160 -1.95 -29.09 4.28
C SER B 160 -1.67 -29.84 2.99
N ALA B 161 -0.78 -29.29 2.15
CA ALA B 161 -0.47 -29.96 0.89
C ALA B 161 0.09 -31.36 1.12
N ILE B 162 0.85 -31.54 2.20
CA ILE B 162 1.47 -32.84 2.42
C ILE B 162 0.45 -33.84 2.95
N ASN B 163 -0.32 -33.42 3.97
CA ASN B 163 -1.15 -34.33 4.72
C ASN B 163 -2.64 -34.23 4.35
N GLN B 164 -2.97 -33.45 3.33
CA GLN B 164 -4.34 -33.30 2.84
C GLN B 164 -5.29 -32.98 3.98
N CYS B 165 -5.09 -31.80 4.55
CA CYS B 165 -5.92 -31.34 5.65
C CYS B 165 -6.39 -29.91 5.45
N TYR B 166 -7.40 -29.55 6.26
CA TYR B 166 -8.03 -28.23 6.18
C TYR B 166 -7.14 -27.14 6.76
N VAL B 167 -7.30 -25.92 6.22
CA VAL B 167 -6.64 -24.73 6.75
C VAL B 167 -7.66 -23.61 6.92
N LYS B 168 -7.92 -23.22 8.17
CA LYS B 168 -8.93 -22.23 8.53
C LYS B 168 -8.22 -21.03 9.14
N ILE B 169 -8.37 -19.85 8.52
CA ILE B 169 -7.73 -18.64 8.98
C ILE B 169 -8.80 -17.74 9.58
N ILE B 170 -8.72 -17.54 10.89
CA ILE B 170 -9.66 -16.68 11.60
C ILE B 170 -9.10 -15.27 11.65
N ASP B 171 -9.81 -14.34 11.02
CA ASP B 171 -9.40 -12.95 10.89
C ASP B 171 -9.81 -12.21 12.15
N LEU B 172 -8.83 -11.66 12.87
CA LEU B 172 -9.08 -10.87 14.07
C LEU B 172 -8.30 -9.56 13.97
N THR B 173 -8.05 -9.10 12.75
CA THR B 173 -7.30 -7.88 12.50
C THR B 173 -8.16 -6.63 12.61
N TRP B 174 -9.49 -6.77 12.68
CA TRP B 174 -10.35 -5.61 12.80
C TRP B 174 -10.26 -5.03 14.21
N PRO B 175 -10.61 -3.77 14.38
CA PRO B 175 -10.47 -3.14 15.70
C PRO B 175 -11.53 -3.63 16.67
N GLN B 176 -11.12 -3.78 17.93
CA GLN B 176 -12.03 -4.23 18.97
C GLN B 176 -12.95 -3.09 19.38
N GLU B 177 -14.26 -3.32 19.29
CA GLU B 177 -15.25 -2.38 19.80
C GLU B 177 -15.34 -2.40 21.32
N TYR B 178 -14.93 -3.50 21.95
CA TYR B 178 -14.87 -3.67 23.40
C TYR B 178 -13.85 -4.74 23.70
N GLU B 179 -13.16 -4.60 24.84
CA GLU B 179 -12.08 -5.54 25.15
C GLU B 179 -12.63 -6.96 25.28
N PHE B 180 -11.85 -7.92 24.80
CA PHE B 180 -12.19 -9.35 24.79
C PHE B 180 -13.20 -9.70 23.70
N GLN B 181 -13.37 -8.83 22.70
CA GLN B 181 -14.23 -9.19 21.57
C GLN B 181 -13.51 -10.12 20.60
N HIS B 182 -12.20 -9.92 20.41
CA HIS B 182 -11.41 -10.85 19.60
C HIS B 182 -11.55 -12.26 20.14
N THR B 183 -11.32 -12.43 21.45
CA THR B 183 -11.39 -13.75 22.06
C THR B 183 -12.79 -14.34 21.88
N GLU B 184 -13.82 -13.54 22.14
CA GLU B 184 -15.20 -14.01 22.00
C GLU B 184 -15.49 -14.44 20.59
N TYR B 185 -15.15 -13.60 19.61
CA TYR B 185 -15.41 -13.93 18.22
C TYR B 185 -14.70 -15.20 17.80
N ALA B 186 -13.44 -15.35 18.21
CA ALA B 186 -12.69 -16.55 17.85
C ALA B 186 -13.33 -17.78 18.46
N VAL B 187 -13.67 -17.73 19.75
CA VAL B 187 -14.32 -18.86 20.40
C VAL B 187 -15.61 -19.21 19.68
N ASN B 188 -16.39 -18.20 19.33
CA ASN B 188 -17.68 -18.45 18.71
C ASN B 188 -17.52 -19.07 17.33
N LYS B 189 -16.58 -18.56 16.54
CA LYS B 189 -16.32 -19.15 15.23
C LYS B 189 -15.84 -20.59 15.36
N ILE B 190 -14.93 -20.85 16.29
CA ILE B 190 -14.40 -22.20 16.45
C ILE B 190 -15.51 -23.16 16.84
N ILE B 191 -16.36 -22.75 17.78
CA ILE B 191 -17.47 -23.60 18.20
C ILE B 191 -18.42 -23.86 17.03
N GLU B 192 -18.94 -22.78 16.42
CA GLU B 192 -19.74 -22.87 15.20
C GLU B 192 -19.17 -23.88 14.23
N MET B 193 -17.85 -23.85 14.03
CA MET B 193 -17.19 -24.78 13.12
C MET B 193 -17.29 -26.20 13.63
N LEU B 194 -17.10 -26.39 14.93
CA LEU B 194 -17.07 -27.74 15.49
C LEU B 194 -18.45 -28.40 15.46
N ASN B 195 -19.50 -27.64 15.80
CA ASN B 195 -20.84 -28.19 15.91
C ASN B 195 -21.59 -28.14 14.58
N PHE B 196 -20.88 -28.29 13.47
CA PHE B 196 -21.50 -28.21 12.17
C PHE B 196 -22.12 -29.55 11.79
N MET C 1 2.96 -31.23 -23.69
CA MET C 1 3.21 -30.69 -22.33
C MET C 1 1.92 -30.68 -21.52
N ARG C 2 2.04 -30.66 -20.19
CA ARG C 2 0.89 -30.78 -19.30
C ARG C 2 0.91 -29.66 -18.25
N PHE C 3 -0.17 -28.88 -18.23
CA PHE C 3 -0.33 -27.76 -17.32
C PHE C 3 -1.68 -27.86 -16.64
N ILE C 4 -1.67 -27.72 -15.32
CA ILE C 4 -2.89 -27.62 -14.51
C ILE C 4 -3.23 -26.13 -14.42
N LEU C 5 -4.41 -25.75 -14.92
CA LEU C 5 -4.83 -24.36 -14.93
C LEU C 5 -5.78 -24.08 -13.78
N THR C 6 -5.51 -23.03 -12.99
CA THR C 6 -6.30 -22.76 -11.80
C THR C 6 -6.60 -21.27 -11.65
N GLY C 7 -7.61 -21.02 -10.82
CA GLY C 7 -8.00 -19.67 -10.47
C GLY C 7 -9.12 -19.74 -9.45
N VAL C 8 -9.45 -18.58 -8.90
CA VAL C 8 -10.55 -18.46 -7.97
C VAL C 8 -11.84 -18.65 -8.76
N PRO C 9 -12.91 -19.13 -8.14
CA PRO C 9 -14.11 -19.48 -8.90
C PRO C 9 -14.72 -18.27 -9.62
N GLY C 10 -15.35 -18.55 -10.75
CA GLY C 10 -16.12 -17.55 -11.46
C GLY C 10 -15.39 -16.30 -11.86
N ALA C 11 -14.06 -16.38 -12.01
CA ALA C 11 -13.28 -15.23 -12.41
C ALA C 11 -13.06 -15.15 -13.91
N GLY C 12 -13.37 -16.22 -14.64
CA GLY C 12 -13.15 -16.25 -16.07
C GLY C 12 -12.19 -17.35 -16.47
N LYS C 13 -11.83 -18.21 -15.53
CA LYS C 13 -10.94 -19.31 -15.84
C LYS C 13 -11.53 -20.25 -16.88
N THR C 14 -12.83 -20.55 -16.75
CA THR C 14 -13.48 -21.43 -17.71
C THR C 14 -13.53 -20.78 -19.09
N THR C 15 -13.72 -19.46 -19.15
CA THR C 15 -13.70 -18.76 -20.44
C THR C 15 -12.35 -18.90 -21.12
N VAL C 16 -11.26 -18.76 -20.36
CA VAL C 16 -9.93 -18.92 -20.92
C VAL C 16 -9.79 -20.34 -21.49
N CYS C 17 -10.30 -21.33 -20.77
CA CYS C 17 -10.21 -22.70 -21.27
C CYS C 17 -10.98 -22.90 -22.57
N ASN C 18 -12.23 -22.42 -22.61
CA ASN C 18 -13.04 -22.59 -23.81
C ASN C 18 -12.39 -21.91 -25.02
N LYS C 19 -11.86 -20.71 -24.83
CA LYS C 19 -11.25 -19.99 -25.94
C LYS C 19 -9.95 -20.66 -26.38
N LEU C 20 -9.22 -21.26 -25.43
CA LEU C 20 -8.03 -22.02 -25.80
C LEU C 20 -8.40 -23.24 -26.63
N ALA C 21 -9.41 -24.00 -26.17
CA ALA C 21 -9.83 -25.17 -26.93
C ALA C 21 -10.20 -24.77 -28.34
N GLU C 22 -10.78 -23.58 -28.50
CA GLU C 22 -11.04 -23.08 -29.85
C GLU C 22 -9.74 -22.84 -30.62
N LYS C 23 -8.74 -22.24 -29.97
CA LYS C 23 -7.58 -21.74 -30.72
C LYS C 23 -6.43 -22.73 -30.94
N MET C 24 -6.17 -23.69 -30.04
CA MET C 24 -5.00 -24.54 -30.18
C MET C 24 -5.29 -25.87 -30.86
N SER C 25 -4.40 -26.25 -31.78
CA SER C 25 -4.48 -27.55 -32.42
C SER C 25 -3.73 -28.56 -31.57
N ASN C 26 -3.99 -29.83 -31.84
CA ASN C 26 -3.50 -30.93 -31.01
C ASN C 26 -3.44 -30.53 -29.53
N LEU C 27 -4.52 -29.87 -29.08
CA LEU C 27 -4.68 -29.55 -27.68
C LEU C 27 -6.05 -29.99 -27.19
N SER C 28 -6.07 -30.74 -26.10
CA SER C 28 -7.31 -31.15 -25.45
C SER C 28 -7.41 -30.39 -24.12
N VAL C 29 -8.52 -29.68 -23.93
CA VAL C 29 -8.84 -28.99 -22.69
C VAL C 29 -9.96 -29.76 -22.03
N VAL C 30 -9.82 -30.01 -20.73
CA VAL C 30 -10.75 -30.85 -19.98
C VAL C 30 -10.89 -30.29 -18.57
N ASN C 31 -12.10 -30.43 -18.01
CA ASN C 31 -12.37 -29.98 -16.64
C ASN C 31 -12.42 -31.17 -15.70
N TYR C 32 -11.57 -31.13 -14.66
CA TYR C 32 -11.48 -32.24 -13.72
C TYR C 32 -12.85 -32.51 -13.10
N GLY C 33 -13.54 -31.45 -12.67
CA GLY C 33 -14.83 -31.62 -12.04
C GLY C 33 -15.85 -32.32 -12.92
N ASP C 34 -15.86 -32.02 -14.21
CA ASP C 34 -16.82 -32.65 -15.11
C ASP C 34 -16.55 -34.14 -15.26
N VAL C 35 -15.28 -34.53 -15.39
CA VAL C 35 -14.97 -35.95 -15.47
C VAL C 35 -15.37 -36.63 -14.16
N ILE C 36 -15.12 -35.96 -13.04
CA ILE C 36 -15.53 -36.49 -11.74
C ILE C 36 -17.03 -36.73 -11.72
N PHE C 37 -17.82 -35.75 -12.17
CA PHE C 37 -19.27 -35.87 -12.18
C PHE C 37 -19.74 -37.01 -13.08
N GLU C 38 -19.18 -37.12 -14.27
CA GLU C 38 -19.60 -38.16 -15.20
C GLU C 38 -19.32 -39.53 -14.62
N GLU C 39 -18.10 -39.74 -14.12
CA GLU C 39 -17.79 -41.04 -13.52
C GLU C 39 -18.61 -41.28 -12.26
N ALA C 40 -19.04 -40.20 -11.59
CA ALA C 40 -19.84 -40.35 -10.37
C ALA C 40 -21.26 -40.81 -10.70
N LYS C 41 -21.85 -40.26 -11.75
CA LYS C 41 -23.14 -40.79 -12.20
C LYS C 41 -22.99 -42.22 -12.72
N LYS C 42 -21.92 -42.50 -13.47
CA LYS C 42 -21.71 -43.85 -13.99
C LYS C 42 -21.56 -44.86 -12.87
N LEU C 43 -20.70 -44.59 -11.89
CA LEU C 43 -20.41 -45.58 -10.86
C LEU C 43 -21.42 -45.57 -9.73
N TYR C 44 -21.99 -44.41 -9.39
CA TYR C 44 -22.99 -44.33 -8.33
C TYR C 44 -24.23 -43.61 -8.84
N PRO C 45 -24.99 -44.24 -9.74
CA PRO C 45 -26.22 -43.59 -10.22
C PRO C 45 -27.22 -43.33 -9.10
N SER C 46 -27.20 -44.16 -8.05
CA SER C 46 -28.19 -44.02 -6.99
C SER C 46 -28.11 -42.64 -6.35
N ILE C 47 -26.91 -42.20 -6.00
CA ILE C 47 -26.73 -40.99 -5.22
C ILE C 47 -26.46 -39.78 -6.11
N ILE C 48 -25.75 -39.99 -7.22
CA ILE C 48 -25.25 -38.90 -8.05
C ILE C 48 -26.26 -38.65 -9.18
N GLN C 49 -26.99 -37.54 -9.07
CA GLN C 49 -27.82 -37.03 -10.16
C GLN C 49 -27.42 -35.63 -10.59
N VAL C 50 -27.26 -34.71 -9.66
CA VAL C 50 -26.77 -33.39 -9.95
C VAL C 50 -25.33 -33.37 -9.48
N ARG C 51 -24.54 -32.45 -10.02
CA ARG C 51 -23.11 -32.45 -9.73
C ARG C 51 -22.82 -32.06 -8.29
N GLU C 52 -23.80 -31.52 -7.57
CA GLU C 52 -23.61 -31.29 -6.15
C GLU C 52 -23.68 -32.59 -5.36
N ASP C 53 -24.28 -33.63 -5.94
CA ASP C 53 -24.41 -34.90 -5.24
C ASP C 53 -23.06 -35.50 -4.91
N THR C 54 -22.00 -35.08 -5.59
CA THR C 54 -20.66 -35.54 -5.24
C THR C 54 -20.37 -35.26 -3.77
N ARG C 55 -21.01 -34.22 -3.23
CA ARG C 55 -20.85 -33.91 -1.82
C ARG C 55 -21.24 -35.08 -0.92
N LYS C 56 -22.31 -35.80 -1.26
CA LYS C 56 -22.88 -36.75 -0.31
C LYS C 56 -22.10 -38.06 -0.22
N LEU C 57 -21.24 -38.38 -1.18
CA LEU C 57 -20.53 -39.66 -1.17
C LEU C 57 -19.55 -39.75 0.00
N PRO C 58 -19.19 -40.97 0.40
CA PRO C 58 -18.11 -41.11 1.37
C PRO C 58 -16.79 -40.62 0.77
N ARG C 59 -15.96 -40.01 1.62
CA ARG C 59 -14.72 -39.44 1.12
C ARG C 59 -13.83 -40.49 0.48
N ALA C 60 -13.94 -41.75 0.94
CA ALA C 60 -13.22 -42.84 0.30
C ALA C 60 -13.72 -43.06 -1.12
N ASP C 61 -15.04 -43.08 -1.31
CA ASP C 61 -15.60 -43.23 -2.65
C ASP C 61 -15.21 -42.05 -3.52
N TYR C 62 -15.27 -40.83 -2.97
CA TYR C 62 -14.91 -39.64 -3.73
C TYR C 62 -13.45 -39.68 -4.17
N ARG C 63 -12.57 -40.12 -3.28
CA ARG C 63 -11.17 -40.24 -3.65
C ARG C 63 -10.94 -41.30 -4.72
N ASN C 64 -11.60 -42.45 -4.59
CA ASN C 64 -11.46 -43.47 -5.62
C ASN C 64 -11.91 -42.93 -6.97
N ILE C 65 -12.99 -42.15 -6.99
CA ILE C 65 -13.46 -41.57 -8.24
C ILE C 65 -12.45 -40.57 -8.77
N GLN C 66 -11.85 -39.78 -7.88
CA GLN C 66 -10.81 -38.85 -8.30
C GLN C 66 -9.66 -39.59 -8.95
N ILE C 67 -9.26 -40.73 -8.37
CA ILE C 67 -8.19 -41.54 -8.96
C ILE C 67 -8.62 -42.05 -10.34
N GLU C 68 -9.84 -42.56 -10.44
CA GLU C 68 -10.29 -43.08 -11.73
C GLU C 68 -10.31 -41.97 -12.77
N ALA C 69 -10.76 -40.78 -12.39
CA ALA C 69 -10.79 -39.65 -13.32
C ALA C 69 -9.39 -39.18 -13.70
N ALA C 70 -8.47 -39.13 -12.74
CA ALA C 70 -7.08 -38.76 -13.07
C ALA C 70 -6.46 -39.80 -13.99
N LYS C 71 -6.78 -41.09 -13.75
CA LYS C 71 -6.31 -42.12 -14.67
C LYS C 71 -6.83 -41.83 -16.07
N LYS C 72 -8.13 -41.62 -16.18
CA LYS C 72 -8.73 -41.32 -17.48
C LYS C 72 -8.10 -40.09 -18.12
N ILE C 73 -7.85 -39.04 -17.34
CA ILE C 73 -7.32 -37.80 -17.93
C ILE C 73 -5.90 -38.02 -18.46
N GLY C 74 -5.04 -38.62 -17.65
CA GLY C 74 -3.68 -38.82 -18.08
C GLY C 74 -3.67 -39.69 -19.31
N LEU C 75 -4.65 -40.59 -19.41
CA LEU C 75 -4.74 -41.48 -20.54
C LEU C 75 -5.26 -40.76 -21.77
N ILE C 76 -6.12 -39.77 -21.55
CA ILE C 76 -6.94 -39.21 -22.60
C ILE C 76 -6.17 -38.52 -23.72
N THR C 77 -5.04 -37.88 -23.46
CA THR C 77 -4.45 -37.10 -24.56
C THR C 77 -2.95 -36.88 -24.44
N ASP C 78 -2.41 -36.17 -25.46
CA ASP C 78 -1.00 -35.76 -25.54
C ASP C 78 -0.76 -34.36 -24.94
N ASN C 79 -1.26 -33.31 -25.61
CA ASN C 79 -1.16 -31.95 -25.08
C ASN C 79 -2.37 -31.69 -24.19
N LEU C 80 -2.13 -31.34 -22.93
CA LEU C 80 -3.20 -31.24 -21.95
C LEU C 80 -3.22 -29.89 -21.27
N ILE C 81 -4.43 -29.50 -20.89
CA ILE C 81 -4.70 -28.35 -20.05
C ILE C 81 -5.85 -28.77 -19.13
N VAL C 82 -5.55 -28.92 -17.85
CA VAL C 82 -6.48 -29.46 -16.87
C VAL C 82 -7.04 -28.29 -16.06
N ASP C 83 -8.34 -28.09 -16.17
CA ASP C 83 -9.05 -27.03 -15.44
C ASP C 83 -9.45 -27.49 -14.04
N THR C 84 -8.74 -27.01 -13.03
CA THR C 84 -9.07 -27.36 -11.65
C THR C 84 -8.96 -26.12 -10.76
N HIS C 85 -8.79 -26.35 -9.46
CA HIS C 85 -8.69 -25.33 -8.43
C HIS C 85 -7.66 -25.78 -7.43
N MET C 86 -6.66 -24.93 -7.17
CA MET C 86 -5.67 -25.26 -6.14
C MET C 86 -6.33 -25.57 -4.81
N SER C 87 -7.38 -24.82 -4.45
CA SER C 87 -8.01 -24.95 -3.15
C SER C 87 -9.45 -24.44 -3.25
N LEU C 88 -10.31 -25.03 -2.43
CA LEU C 88 -11.71 -24.66 -2.30
C LEU C 88 -11.99 -24.31 -0.85
N LYS C 89 -12.83 -23.30 -0.63
CA LYS C 89 -13.20 -22.89 0.70
C LYS C 89 -14.37 -23.72 1.21
N THR C 90 -14.28 -24.14 2.49
CA THR C 90 -15.31 -24.93 3.15
C THR C 90 -15.51 -24.37 4.55
N PRO C 91 -16.59 -24.75 5.24
CA PRO C 91 -16.75 -24.30 6.63
C PRO C 91 -15.58 -24.66 7.53
N TYR C 92 -14.87 -25.73 7.23
CA TYR C 92 -13.74 -26.18 8.03
C TYR C 92 -12.42 -25.55 7.60
N GLY C 93 -12.46 -24.65 6.62
CA GLY C 93 -11.27 -24.00 6.10
C GLY C 93 -11.08 -24.34 4.63
N PHE C 94 -9.90 -23.98 4.13
CA PHE C 94 -9.56 -24.31 2.76
C PHE C 94 -9.12 -25.77 2.66
N TYR C 95 -9.45 -26.39 1.54
CA TYR C 95 -9.10 -27.78 1.28
C TYR C 95 -8.59 -27.91 -0.15
N PRO C 96 -7.48 -28.63 -0.36
CA PRO C 96 -6.87 -28.67 -1.70
C PRO C 96 -7.68 -29.48 -2.71
N GLY C 97 -7.69 -28.98 -3.95
CA GLY C 97 -8.40 -29.68 -5.01
C GLY C 97 -7.67 -30.87 -5.58
N LEU C 98 -6.35 -30.85 -5.54
CA LEU C 98 -5.59 -31.98 -6.02
C LEU C 98 -5.23 -32.94 -4.89
N ILE C 99 -5.12 -34.22 -5.23
CA ILE C 99 -4.59 -35.23 -4.33
C ILE C 99 -3.25 -35.68 -4.89
N PRO C 100 -2.36 -36.22 -4.07
CA PRO C 100 -1.04 -36.62 -4.60
C PRO C 100 -1.14 -37.57 -5.78
N GLU C 101 -2.06 -38.54 -5.71
CA GLU C 101 -2.25 -39.48 -6.81
C GLU C 101 -2.58 -38.75 -8.10
N THR C 102 -3.36 -37.67 -8.01
CA THR C 102 -3.74 -36.94 -9.21
C THR C 102 -2.51 -36.45 -9.96
N ILE C 103 -1.55 -35.86 -9.23
CA ILE C 103 -0.35 -35.35 -9.85
C ILE C 103 0.54 -36.50 -10.32
N ASN C 104 0.74 -37.51 -9.46
CA ASN C 104 1.57 -38.65 -9.85
C ASN C 104 1.07 -39.28 -11.15
N ILE C 105 -0.25 -39.28 -11.35
CA ILE C 105 -0.83 -39.88 -12.54
C ILE C 105 -0.68 -38.96 -13.73
N ILE C 106 -1.14 -37.71 -13.58
CA ILE C 106 -1.11 -36.79 -14.70
C ILE C 106 0.31 -36.33 -15.01
N GLN C 107 1.20 -36.31 -14.01
CA GLN C 107 2.57 -35.83 -14.13
C GLN C 107 2.56 -34.52 -14.91
N PRO C 108 1.90 -33.47 -14.39
CA PRO C 108 1.88 -32.20 -15.11
C PRO C 108 3.28 -31.57 -15.14
N ASP C 109 3.61 -30.96 -16.27
CA ASP C 109 4.84 -30.19 -16.33
C ASP C 109 4.77 -28.97 -15.43
N GLY C 110 3.58 -28.35 -15.36
CA GLY C 110 3.48 -27.13 -14.56
C GLY C 110 2.09 -26.81 -14.10
N ILE C 111 2.02 -25.80 -13.22
CA ILE C 111 0.78 -25.23 -12.73
C ILE C 111 0.72 -23.78 -13.22
N ILE C 112 -0.50 -23.34 -13.59
CA ILE C 112 -0.75 -21.98 -14.05
C ILE C 112 -1.79 -21.38 -13.12
N LEU C 113 -1.51 -20.18 -12.62
CA LEU C 113 -2.43 -19.46 -11.74
C LEU C 113 -2.87 -18.18 -12.42
N LEU C 114 -4.17 -18.07 -12.72
CA LEU C 114 -4.74 -16.82 -13.20
C LEU C 114 -5.09 -15.98 -11.98
N GLU C 115 -4.35 -14.90 -11.74
CA GLU C 115 -4.57 -14.07 -10.56
C GLU C 115 -5.24 -12.76 -10.98
N PHE C 116 -6.48 -12.56 -10.52
CA PHE C 116 -7.30 -11.41 -10.90
C PHE C 116 -7.31 -10.36 -9.80
N ASN C 117 -7.91 -9.22 -10.11
CA ASN C 117 -8.20 -8.23 -9.10
C ASN C 117 -9.51 -8.56 -8.41
N PRO C 118 -9.58 -8.40 -7.08
CA PRO C 118 -10.82 -8.81 -6.39
C PRO C 118 -12.05 -8.12 -6.92
N ARG C 119 -11.93 -6.83 -7.30
CA ARG C 119 -13.10 -6.15 -7.86
C ARG C 119 -13.53 -6.81 -9.17
N ASP C 120 -12.58 -7.14 -10.05
CA ASP C 120 -12.94 -7.81 -11.28
C ASP C 120 -13.64 -9.13 -11.01
N VAL C 121 -13.16 -9.88 -10.03
CA VAL C 121 -13.75 -11.18 -9.74
C VAL C 121 -15.16 -11.02 -9.22
N ILE C 122 -15.36 -10.08 -8.29
CA ILE C 122 -16.69 -9.88 -7.71
C ILE C 122 -17.66 -9.42 -8.81
N ALA C 123 -17.23 -8.44 -9.61
CA ALA C 123 -18.09 -7.91 -10.66
C ALA C 123 -18.41 -8.97 -11.69
N ARG C 124 -17.44 -9.82 -12.01
CA ARG C 124 -17.66 -10.88 -12.97
C ARG C 124 -18.61 -11.93 -12.42
N ARG C 125 -18.50 -12.24 -11.12
CA ARG C 125 -19.42 -13.18 -10.50
C ARG C 125 -20.86 -12.63 -10.49
N GLU C 126 -21.02 -11.34 -10.20
CA GLU C 126 -22.37 -10.75 -10.25
C GLU C 126 -22.87 -10.70 -11.69
N LYS C 127 -21.98 -10.42 -12.65
CA LYS C 127 -22.33 -10.51 -14.06
C LYS C 127 -22.85 -11.89 -14.41
N ASP C 128 -22.19 -12.93 -13.93
CA ASP C 128 -22.60 -14.29 -14.24
C ASP C 128 -23.88 -14.68 -13.50
N ARG C 129 -24.03 -14.23 -12.26
CA ARG C 129 -25.23 -14.52 -11.48
C ARG C 129 -26.47 -13.89 -12.13
N LEU C 130 -26.35 -12.62 -12.52
CA LEU C 130 -27.49 -11.92 -13.13
C LEU C 130 -27.85 -12.57 -14.46
N ALA C 131 -26.84 -13.00 -15.22
CA ALA C 131 -27.03 -13.76 -16.45
C ALA C 131 -27.47 -15.20 -16.21
N GLY C 132 -27.61 -15.62 -14.95
CA GLY C 132 -28.07 -16.96 -14.65
C GLY C 132 -26.95 -17.95 -14.39
N MET C 139 -21.53 -14.33 -2.06
CA MET C 139 -20.90 -13.05 -2.34
C MET C 139 -19.73 -12.80 -1.41
N GLU C 140 -18.53 -13.12 -1.88
CA GLU C 140 -17.33 -12.93 -1.07
C GLU C 140 -16.93 -11.46 -1.07
N SER C 141 -16.00 -11.12 -0.18
CA SER C 141 -15.48 -9.78 -0.05
C SER C 141 -14.10 -9.71 -0.68
N GLU C 142 -13.65 -8.48 -0.95
CA GLU C 142 -12.33 -8.28 -1.54
C GLU C 142 -11.25 -9.01 -0.76
N THR C 143 -11.28 -8.89 0.57
CA THR C 143 -10.25 -9.52 1.39
C THR C 143 -10.35 -11.03 1.38
N ASP C 144 -11.57 -11.58 1.43
CA ASP C 144 -11.73 -13.02 1.34
C ASP C 144 -11.03 -13.55 0.09
N ILE C 145 -11.15 -12.81 -1.00
CA ILE C 145 -10.63 -13.26 -2.30
C ILE C 145 -9.12 -13.09 -2.37
N LEU C 146 -8.59 -11.98 -1.85
CA LEU C 146 -7.13 -11.84 -1.79
C LEU C 146 -6.54 -12.99 -1.00
N LEU C 147 -7.17 -13.35 0.12
CA LEU C 147 -6.74 -14.52 0.88
C LEU C 147 -6.79 -15.79 0.04
N HIS C 148 -7.95 -16.06 -0.57
CA HIS C 148 -8.09 -17.26 -1.40
C HIS C 148 -6.95 -17.36 -2.41
N GLN C 149 -6.57 -16.23 -3.01
CA GLN C 149 -5.52 -16.27 -4.03
C GLN C 149 -4.13 -16.46 -3.44
N GLN C 150 -3.82 -15.80 -2.33
CA GLN C 150 -2.53 -16.05 -1.68
C GLN C 150 -2.42 -17.52 -1.28
N VAL C 151 -3.54 -18.12 -0.87
CA VAL C 151 -3.52 -19.54 -0.51
C VAL C 151 -3.35 -20.42 -1.75
N ASN C 152 -4.05 -20.08 -2.84
CA ASN C 152 -3.82 -20.78 -4.09
C ASN C 152 -2.33 -20.75 -4.47
N ARG C 153 -1.71 -19.59 -4.32
CA ARG C 153 -0.29 -19.43 -4.63
C ARG C 153 0.55 -20.37 -3.77
N MET C 154 0.34 -20.34 -2.45
CA MET C 154 1.11 -21.18 -1.55
C MET C 154 0.92 -22.65 -1.85
N PHE C 155 -0.31 -23.07 -2.15
CA PHE C 155 -0.55 -24.46 -2.50
C PHE C 155 0.23 -24.85 -3.75
N ALA C 156 0.20 -24.00 -4.78
CA ALA C 156 0.91 -24.33 -6.01
C ALA C 156 2.41 -24.44 -5.76
N VAL C 157 2.96 -23.54 -4.94
CA VAL C 157 4.40 -23.58 -4.65
C VAL C 157 4.75 -24.87 -3.90
N SER C 158 3.88 -25.28 -2.98
CA SER C 158 4.11 -26.53 -2.26
C SER C 158 4.11 -27.72 -3.22
N TYR C 159 3.10 -27.79 -4.09
CA TYR C 159 3.06 -28.89 -5.05
C TYR C 159 4.32 -28.91 -5.90
N SER C 160 4.77 -27.70 -6.24
CA SER C 160 5.98 -27.43 -7.07
C SER C 160 7.20 -28.04 -6.39
N ALA C 161 7.44 -27.76 -5.12
CA ALA C 161 8.63 -28.27 -4.40
C ALA C 161 8.60 -29.81 -4.36
N ILE C 162 7.44 -30.38 -4.05
CA ILE C 162 7.22 -31.84 -3.91
C ILE C 162 7.33 -32.61 -5.23
N ASN C 163 6.77 -32.10 -6.33
CA ASN C 163 6.73 -32.84 -7.63
C ASN C 163 7.61 -32.20 -8.71
N GLN C 164 8.41 -31.19 -8.37
CA GLN C 164 9.34 -30.52 -9.32
C GLN C 164 8.64 -30.09 -10.60
N CYS C 165 7.57 -29.31 -10.49
CA CYS C 165 6.81 -28.76 -11.64
C CYS C 165 6.94 -27.23 -11.68
N TYR C 166 6.73 -26.62 -12.85
CA TYR C 166 6.74 -25.19 -13.06
C TYR C 166 5.58 -24.51 -12.34
N VAL C 167 5.77 -23.22 -12.03
CA VAL C 167 4.70 -22.38 -11.47
C VAL C 167 4.66 -21.08 -12.28
N LYS C 168 3.58 -20.88 -13.02
CA LYS C 168 3.42 -19.72 -13.90
C LYS C 168 2.28 -18.88 -13.37
N ILE C 169 2.58 -17.66 -12.95
CA ILE C 169 1.59 -16.76 -12.37
C ILE C 169 1.30 -15.69 -13.41
N ILE C 170 0.10 -15.73 -14.00
CA ILE C 170 -0.33 -14.78 -15.00
C ILE C 170 -1.16 -13.69 -14.33
N ASP C 171 -0.67 -12.45 -14.44
CA ASP C 171 -1.25 -11.29 -13.78
C ASP C 171 -2.39 -10.70 -14.59
N LEU C 172 -3.56 -10.57 -13.97
CA LEU C 172 -4.74 -9.97 -14.59
C LEU C 172 -5.36 -8.91 -13.67
N THR C 173 -4.57 -8.32 -12.78
CA THR C 173 -5.08 -7.34 -11.82
C THR C 173 -5.08 -5.90 -12.34
N TRP C 174 -4.60 -5.66 -13.57
CA TRP C 174 -4.66 -4.36 -14.18
C TRP C 174 -6.06 -4.08 -14.71
N PRO C 175 -6.42 -2.82 -14.94
CA PRO C 175 -7.78 -2.51 -15.38
C PRO C 175 -7.99 -2.87 -16.84
N GLN C 176 -9.18 -3.38 -17.15
CA GLN C 176 -9.51 -3.74 -18.52
C GLN C 176 -9.85 -2.47 -19.30
N GLU C 177 -9.08 -2.21 -20.36
CA GLU C 177 -9.38 -1.11 -21.27
C GLU C 177 -10.53 -1.46 -22.20
N TYR C 178 -10.83 -2.73 -22.38
CA TYR C 178 -11.99 -3.16 -23.14
C TYR C 178 -12.36 -4.54 -22.64
N GLU C 179 -13.66 -4.85 -22.69
CA GLU C 179 -14.17 -6.09 -22.14
C GLU C 179 -13.54 -7.30 -22.81
N PHE C 180 -13.27 -8.33 -22.01
CA PHE C 180 -12.66 -9.58 -22.43
C PHE C 180 -11.17 -9.44 -22.70
N GLN C 181 -10.53 -8.37 -22.20
CA GLN C 181 -9.09 -8.23 -22.40
C GLN C 181 -8.30 -9.15 -21.47
N HIS C 182 -8.79 -9.36 -20.25
CA HIS C 182 -8.15 -10.33 -19.37
C HIS C 182 -8.09 -11.70 -20.04
N THR C 183 -9.23 -12.19 -20.52
CA THR C 183 -9.28 -13.51 -21.13
C THR C 183 -8.35 -13.60 -22.33
N GLU C 184 -8.38 -12.59 -23.20
CA GLU C 184 -7.55 -12.58 -24.39
C GLU C 184 -6.07 -12.61 -24.03
N TYR C 185 -5.65 -11.75 -23.09
CA TYR C 185 -4.25 -11.72 -22.69
C TYR C 185 -3.81 -13.07 -22.13
N ALA C 186 -4.65 -13.68 -21.30
CA ALA C 186 -4.29 -14.97 -20.70
C ALA C 186 -4.14 -16.04 -21.77
N VAL C 187 -5.11 -16.12 -22.68
CA VAL C 187 -5.02 -17.11 -23.75
C VAL C 187 -3.73 -16.92 -24.53
N ASN C 188 -3.39 -15.67 -24.86
CA ASN C 188 -2.22 -15.44 -25.67
C ASN C 188 -0.93 -15.79 -24.93
N LYS C 189 -0.83 -15.42 -23.66
CA LYS C 189 0.34 -15.80 -22.89
C LYS C 189 0.49 -17.31 -22.83
N ILE C 190 -0.62 -18.02 -22.56
CA ILE C 190 -0.54 -19.47 -22.45
C ILE C 190 -0.11 -20.09 -23.77
N ILE C 191 -0.68 -19.62 -24.89
CA ILE C 191 -0.29 -20.17 -26.19
C ILE C 191 1.19 -19.93 -26.46
N GLU C 192 1.61 -18.66 -26.44
CA GLU C 192 3.02 -18.30 -26.56
C GLU C 192 3.88 -19.25 -25.74
N MET C 193 3.44 -19.54 -24.51
CA MET C 193 4.18 -20.44 -23.64
C MET C 193 4.22 -21.84 -24.23
N LEU C 194 3.11 -22.32 -24.78
CA LEU C 194 3.05 -23.69 -25.25
C LEU C 194 3.96 -23.89 -26.45
N ASN C 195 3.96 -22.94 -27.38
CA ASN C 195 4.71 -23.07 -28.63
C ASN C 195 6.13 -22.59 -28.52
N PHE C 196 6.76 -22.82 -27.37
CA PHE C 196 8.09 -22.34 -27.12
C PHE C 196 9.16 -23.22 -27.75
N MET D 1 5.39 32.60 21.73
CA MET D 1 4.89 32.18 20.40
C MET D 1 3.47 31.60 20.47
N ARG D 2 2.80 31.59 19.33
CA ARG D 2 1.39 31.23 19.24
C ARG D 2 1.19 30.13 18.20
N PHE D 3 0.63 29.01 18.64
CA PHE D 3 0.40 27.85 17.79
C PHE D 3 -1.04 27.40 17.93
N ILE D 4 -1.70 27.21 16.80
CA ILE D 4 -3.05 26.67 16.75
C ILE D 4 -2.95 25.16 16.69
N LEU D 5 -3.49 24.47 17.68
CA LEU D 5 -3.37 23.03 17.78
C LEU D 5 -4.66 22.36 17.31
N THR D 6 -4.53 21.40 16.40
CA THR D 6 -5.69 20.72 15.85
C THR D 6 -5.43 19.22 15.71
N GLY D 7 -6.52 18.50 15.55
CA GLY D 7 -6.51 17.06 15.33
C GLY D 7 -7.94 16.64 15.08
N VAL D 8 -8.09 15.37 14.72
CA VAL D 8 -9.44 14.85 14.51
C VAL D 8 -10.10 14.75 15.89
N PRO D 9 -11.42 14.91 15.96
CA PRO D 9 -12.08 14.99 17.27
C PRO D 9 -11.90 13.72 18.09
N GLY D 10 -11.93 13.90 19.41
CA GLY D 10 -11.93 12.76 20.31
C GLY D 10 -10.77 11.82 20.12
N ALA D 11 -9.66 12.31 19.56
CA ALA D 11 -8.48 11.50 19.35
C ALA D 11 -7.47 11.63 20.47
N GLY D 12 -7.64 12.61 21.36
CA GLY D 12 -6.70 12.83 22.44
C GLY D 12 -6.07 14.20 22.38
N LYS D 13 -6.57 15.04 21.46
CA LYS D 13 -6.06 16.39 21.38
C LYS D 13 -6.30 17.15 22.68
N THR D 14 -7.50 16.99 23.25
CA THR D 14 -7.81 17.67 24.49
C THR D 14 -6.95 17.17 25.64
N THR D 15 -6.63 15.87 25.66
CA THR D 15 -5.73 15.34 26.67
C THR D 15 -4.35 15.97 26.55
N VAL D 16 -3.85 16.10 25.32
CA VAL D 16 -2.56 16.75 25.10
C VAL D 16 -2.61 18.18 25.61
N CYS D 17 -3.72 18.87 25.38
CA CYS D 17 -3.86 20.24 25.87
C CYS D 17 -3.81 20.27 27.39
N ASN D 18 -4.54 19.36 28.03
CA ASN D 18 -4.55 19.34 29.49
C ASN D 18 -3.15 19.09 30.07
N LYS D 19 -2.43 18.14 29.49
CA LYS D 19 -1.09 17.83 29.99
C LYS D 19 -0.09 18.92 29.62
N LEU D 20 -0.32 19.62 28.51
CA LEU D 20 0.52 20.78 28.21
C LEU D 20 0.35 21.85 29.28
N ALA D 21 -0.89 22.19 29.61
CA ALA D 21 -1.11 23.16 30.67
C ALA D 21 -0.52 22.67 32.00
N GLU D 22 -0.58 21.36 32.25
CA GLU D 22 0.02 20.86 33.49
C GLU D 22 1.52 21.14 33.52
N LYS D 23 2.22 20.69 32.48
CA LYS D 23 3.68 20.63 32.45
C LYS D 23 4.33 21.94 32.06
N MET D 24 3.58 22.88 31.50
CA MET D 24 4.12 24.17 31.10
C MET D 24 3.60 25.31 31.97
N SER D 25 4.52 26.11 32.51
CA SER D 25 4.14 27.36 33.14
C SER D 25 4.30 28.44 32.08
N ASN D 26 4.00 29.69 32.41
CA ASN D 26 4.09 30.76 31.41
C ASN D 26 3.54 30.32 30.07
N LEU D 27 2.39 29.66 30.13
CA LEU D 27 1.70 29.26 28.90
C LEU D 27 0.19 29.34 29.09
N SER D 28 -0.51 29.94 28.14
CA SER D 28 -1.96 29.97 28.17
C SER D 28 -2.53 29.03 27.11
N VAL D 29 -3.30 28.05 27.55
CA VAL D 29 -3.99 27.10 26.69
C VAL D 29 -5.46 27.44 26.74
N VAL D 30 -6.10 27.49 25.58
CA VAL D 30 -7.50 27.91 25.50
C VAL D 30 -8.18 27.10 24.41
N ASN D 31 -9.45 26.78 24.63
CA ASN D 31 -10.25 26.03 23.68
C ASN D 31 -11.18 27.02 22.98
N TYR D 32 -10.99 27.15 21.66
CA TYR D 32 -11.75 28.14 20.89
C TYR D 32 -13.25 27.91 21.00
N GLY D 33 -13.67 26.65 20.89
CA GLY D 33 -15.09 26.35 20.97
C GLY D 33 -15.71 26.81 22.27
N ASP D 34 -14.98 26.66 23.39
CA ASP D 34 -15.51 27.08 24.67
C ASP D 34 -15.65 28.60 24.74
N VAL D 35 -14.68 29.34 24.19
CA VAL D 35 -14.80 30.80 24.16
C VAL D 35 -16.00 31.21 23.32
N ILE D 36 -16.22 30.52 22.19
CA ILE D 36 -17.39 30.79 21.38
C ILE D 36 -18.66 30.53 22.18
N PHE D 37 -18.71 29.43 22.91
CA PHE D 37 -19.87 29.10 23.73
C PHE D 37 -20.13 30.19 24.77
N GLU D 38 -19.07 30.65 25.43
CA GLU D 38 -19.21 31.66 26.46
C GLU D 38 -19.74 32.97 25.86
N GLU D 39 -19.14 33.42 24.76
CA GLU D 39 -19.60 34.67 24.16
C GLU D 39 -21.02 34.54 23.59
N ALA D 40 -21.42 33.34 23.16
CA ALA D 40 -22.77 33.15 22.65
C ALA D 40 -23.80 33.21 23.77
N LYS D 41 -23.45 32.65 24.93
CA LYS D 41 -24.32 32.82 26.10
C LYS D 41 -24.35 34.27 26.56
N LYS D 42 -23.20 34.95 26.55
CA LYS D 42 -23.13 36.34 26.98
C LYS D 42 -23.99 37.24 26.10
N LEU D 43 -23.85 37.10 24.78
CA LEU D 43 -24.53 38.01 23.86
C LEU D 43 -25.96 37.59 23.53
N TYR D 44 -26.27 36.29 23.57
CA TYR D 44 -27.63 35.79 23.31
C TYR D 44 -28.09 34.88 24.43
N PRO D 45 -28.29 35.43 25.64
CA PRO D 45 -28.74 34.58 26.75
C PRO D 45 -30.09 33.94 26.50
N SER D 46 -30.95 34.62 25.76
CA SER D 46 -32.29 34.11 25.52
C SER D 46 -32.23 32.76 24.83
N ILE D 47 -31.40 32.64 23.81
CA ILE D 47 -31.41 31.51 22.91
C ILE D 47 -30.37 30.47 23.29
N ILE D 48 -29.21 30.89 23.76
CA ILE D 48 -28.06 30.02 23.92
C ILE D 48 -28.06 29.52 25.37
N GLN D 49 -28.38 28.25 25.55
CA GLN D 49 -28.26 27.59 26.85
C GLN D 49 -27.27 26.44 26.83
N VAL D 50 -27.36 25.56 25.84
CA VAL D 50 -26.38 24.50 25.67
C VAL D 50 -25.51 24.91 24.48
N ARG D 51 -24.28 24.40 24.45
CA ARG D 51 -23.28 24.75 23.45
C ARG D 51 -23.61 24.20 22.07
N GLU D 52 -24.61 23.32 21.95
CA GLU D 52 -25.12 22.93 20.64
C GLU D 52 -26.01 24.00 20.04
N ASP D 53 -26.54 24.92 20.86
CA ASP D 53 -27.49 25.93 20.39
C ASP D 53 -26.90 26.92 19.39
N THR D 54 -25.58 27.11 19.37
CA THR D 54 -24.98 28.06 18.44
C THR D 54 -25.40 27.78 17.00
N ARG D 55 -25.78 26.53 16.70
CA ARG D 55 -26.18 26.15 15.35
C ARG D 55 -27.32 27.03 14.85
N LYS D 56 -28.22 27.45 15.75
CA LYS D 56 -29.45 28.11 15.33
C LYS D 56 -29.25 29.57 14.92
N LEU D 57 -28.14 30.21 15.28
CA LEU D 57 -27.97 31.64 15.02
C LEU D 57 -27.83 31.93 13.52
N PRO D 58 -28.14 33.17 13.12
CA PRO D 58 -27.80 33.58 11.74
C PRO D 58 -26.30 33.56 11.56
N ARG D 59 -25.85 33.19 10.36
CA ARG D 59 -24.42 33.06 10.13
C ARG D 59 -23.68 34.37 10.38
N ALA D 60 -24.33 35.51 10.15
CA ALA D 60 -23.68 36.79 10.43
C ALA D 60 -23.42 36.95 11.93
N ASP D 61 -24.42 36.66 12.76
CA ASP D 61 -24.25 36.77 14.21
C ASP D 61 -23.20 35.79 14.72
N TYR D 62 -23.22 34.55 14.21
CA TYR D 62 -22.23 33.56 14.64
C TYR D 62 -20.83 34.00 14.26
N ARG D 63 -20.69 34.61 13.08
CA ARG D 63 -19.38 35.13 12.67
C ARG D 63 -18.97 36.29 13.56
N ASN D 64 -19.92 37.14 13.96
CA ASN D 64 -19.60 38.18 14.92
C ASN D 64 -19.10 37.58 16.24
N ILE D 65 -19.72 36.49 16.68
CA ILE D 65 -19.28 35.85 17.91
C ILE D 65 -17.87 35.29 17.73
N GLN D 66 -17.59 34.69 16.57
CA GLN D 66 -16.25 34.19 16.28
C GLN D 66 -15.22 35.33 16.33
N ILE D 67 -15.57 36.49 15.75
CA ILE D 67 -14.64 37.62 15.77
C ILE D 67 -14.39 38.07 17.20
N GLU D 68 -15.47 38.23 17.98
CA GLU D 68 -15.30 38.68 19.37
C GLU D 68 -14.49 37.67 20.18
N ALA D 69 -14.73 36.37 19.97
CA ALA D 69 -13.96 35.37 20.69
C ALA D 69 -12.49 35.43 20.30
N ALA D 70 -12.22 35.65 19.01
CA ALA D 70 -10.84 35.78 18.56
C ALA D 70 -10.16 37.03 19.13
N LYS D 71 -10.89 38.07 19.35
CA LYS D 71 -10.38 39.26 20.03
C LYS D 71 -10.11 38.96 21.49
N LYS D 72 -11.07 38.33 22.17
CA LYS D 72 -10.91 37.95 23.56
C LYS D 72 -9.66 37.09 23.75
N ILE D 73 -9.36 36.24 22.78
CA ILE D 73 -8.18 35.32 22.84
C ILE D 73 -6.91 36.09 22.46
N GLY D 74 -7.03 37.15 21.66
CA GLY D 74 -5.91 37.97 21.19
C GLY D 74 -5.18 38.66 22.33
N LEU D 75 -5.91 39.04 23.37
CA LEU D 75 -5.41 39.83 24.52
C LEU D 75 -4.27 39.12 25.26
N ILE D 76 -4.25 37.79 25.33
CA ILE D 76 -3.22 37.05 26.12
C ILE D 76 -1.83 37.46 25.62
N THR D 77 -0.89 37.73 26.54
CA THR D 77 0.44 38.31 26.25
C THR D 77 1.63 37.35 26.37
N ASP D 78 1.43 36.04 26.49
CA ASP D 78 2.53 35.05 26.65
C ASP D 78 2.28 33.87 25.69
N ASN D 79 3.10 32.82 25.77
CA ASN D 79 2.90 31.68 24.84
C ASN D 79 1.53 31.06 25.08
N LEU D 80 0.76 30.85 24.01
CA LEU D 80 -0.59 30.23 24.14
C LEU D 80 -0.81 29.24 22.99
N ILE D 81 -1.66 28.25 23.24
CA ILE D 81 -2.04 27.17 22.29
C ILE D 81 -3.56 27.18 22.20
N VAL D 82 -4.14 27.17 21.01
CA VAL D 82 -5.62 27.19 20.87
C VAL D 82 -6.09 25.81 20.39
N ASP D 83 -6.87 25.10 21.20
CA ASP D 83 -7.29 23.73 20.80
C ASP D 83 -8.55 23.80 19.94
N THR D 84 -8.42 23.99 18.64
CA THR D 84 -9.57 24.08 17.76
C THR D 84 -9.42 23.02 16.66
N HIS D 85 -10.13 23.20 15.56
CA HIS D 85 -10.22 22.21 14.50
C HIS D 85 -10.09 22.87 13.13
N MET D 86 -9.22 22.32 12.29
CA MET D 86 -9.08 22.88 10.95
C MET D 86 -10.39 22.83 10.18
N SER D 87 -11.13 21.73 10.30
CA SER D 87 -12.36 21.54 9.55
C SER D 87 -13.22 20.53 10.29
N LEU D 88 -14.53 20.72 10.20
CA LEU D 88 -15.50 19.81 10.79
C LEU D 88 -16.40 19.28 9.69
N LYS D 89 -16.75 18.01 9.79
CA LYS D 89 -17.59 17.35 8.80
C LYS D 89 -19.07 17.59 9.15
N THR D 90 -19.85 17.93 8.14
CA THR D 90 -21.27 18.23 8.24
C THR D 90 -22.00 17.54 7.10
N PRO D 91 -23.33 17.47 7.13
CA PRO D 91 -24.04 16.88 5.99
C PRO D 91 -23.71 17.53 4.66
N TYR D 92 -23.34 18.82 4.65
CA TYR D 92 -23.01 19.51 3.41
C TYR D 92 -21.54 19.40 3.04
N GLY D 93 -20.75 18.65 3.80
CA GLY D 93 -19.33 18.47 3.55
C GLY D 93 -18.49 19.01 4.70
N PHE D 94 -17.19 19.11 4.46
CA PHE D 94 -16.30 19.69 5.45
C PHE D 94 -16.40 21.22 5.42
N TYR D 95 -16.30 21.85 6.60
CA TYR D 95 -16.37 23.29 6.72
C TYR D 95 -15.27 23.76 7.65
N PRO D 96 -14.57 24.84 7.31
CA PRO D 96 -13.41 25.24 8.11
C PRO D 96 -13.79 25.78 9.47
N GLY D 97 -13.02 25.38 10.48
CA GLY D 97 -13.24 25.87 11.82
C GLY D 97 -12.71 27.26 12.05
N LEU D 98 -11.65 27.63 11.36
CA LEU D 98 -11.14 28.98 11.41
C LEU D 98 -11.74 29.80 10.28
N ILE D 99 -11.90 31.08 10.53
CA ILE D 99 -12.23 32.03 9.48
C ILE D 99 -10.99 32.91 9.33
N PRO D 100 -10.80 33.56 8.19
CA PRO D 100 -9.61 34.43 8.05
C PRO D 100 -9.53 35.49 9.13
N GLU D 101 -10.66 36.06 9.55
CA GLU D 101 -10.64 37.07 10.61
C GLU D 101 -9.97 36.52 11.85
N THR D 102 -10.27 35.25 12.18
CA THR D 102 -9.68 34.64 13.37
C THR D 102 -8.17 34.65 13.29
N ILE D 103 -7.63 34.26 12.14
CA ILE D 103 -6.18 34.21 11.97
C ILE D 103 -5.60 35.61 11.98
N ASN D 104 -6.21 36.51 11.22
CA ASN D 104 -5.74 37.89 11.18
C ASN D 104 -5.68 38.51 12.56
N ILE D 105 -6.63 38.15 13.43
CA ILE D 105 -6.69 38.72 14.77
C ILE D 105 -5.69 38.03 15.70
N ILE D 106 -5.76 36.71 15.79
CA ILE D 106 -4.87 36.00 16.72
C ILE D 106 -3.43 36.00 16.21
N GLN D 107 -3.24 36.06 14.90
CA GLN D 107 -1.93 36.06 14.26
C GLN D 107 -1.05 34.97 14.84
N PRO D 108 -1.44 33.69 14.68
CA PRO D 108 -0.61 32.60 15.19
C PRO D 108 0.68 32.48 14.40
N ASP D 109 1.77 32.19 15.10
CA ASP D 109 3.03 31.88 14.43
C ASP D 109 2.94 30.58 13.66
N GLY D 110 2.20 29.60 14.17
CA GLY D 110 2.14 28.33 13.46
C GLY D 110 0.88 27.55 13.75
N ILE D 111 0.72 26.49 12.97
CA ILE D 111 -0.34 25.50 13.14
C ILE D 111 0.32 24.17 13.44
N ILE D 112 -0.28 23.38 14.32
CA ILE D 112 0.19 22.06 14.72
C ILE D 112 -0.92 21.07 14.43
N LEU D 113 -0.56 19.98 13.77
CA LEU D 113 -1.49 18.92 13.43
C LEU D 113 -1.05 17.64 14.10
N LEU D 114 -1.87 17.11 15.01
CA LEU D 114 -1.60 15.79 15.59
C LEU D 114 -2.21 14.75 14.66
N GLU D 115 -1.37 13.98 13.95
CA GLU D 115 -1.87 13.00 12.99
C GLU D 115 -1.75 11.60 13.57
N PHE D 116 -2.89 10.96 13.80
CA PHE D 116 -2.97 9.67 14.47
C PHE D 116 -3.17 8.54 13.46
N ASN D 117 -3.13 7.32 13.97
CA ASN D 117 -3.55 6.17 13.16
C ASN D 117 -5.06 5.99 13.25
N PRO D 118 -5.72 5.69 12.14
CA PRO D 118 -7.19 5.56 12.21
C PRO D 118 -7.64 4.49 13.17
N ARG D 119 -6.91 3.39 13.31
CA ARG D 119 -7.31 2.38 14.29
C ARG D 119 -7.22 2.91 15.71
N ASP D 120 -6.14 3.63 16.03
CA ASP D 120 -6.02 4.22 17.35
C ASP D 120 -7.18 5.15 17.64
N VAL D 121 -7.56 5.96 16.65
CA VAL D 121 -8.67 6.89 16.81
C VAL D 121 -9.98 6.13 17.00
N ILE D 122 -10.22 5.09 16.20
CA ILE D 122 -11.46 4.32 16.32
C ILE D 122 -11.54 3.69 17.70
N ALA D 123 -10.45 3.07 18.15
CA ALA D 123 -10.45 2.43 19.45
C ALA D 123 -10.66 3.45 20.56
N ARG D 124 -10.08 4.64 20.41
CA ARG D 124 -10.25 5.67 21.44
C ARG D 124 -11.68 6.22 21.45
N ARG D 125 -12.27 6.40 20.26
CA ARG D 125 -13.65 6.85 20.19
C ARG D 125 -14.58 5.81 20.80
N GLU D 126 -14.29 4.52 20.57
CA GLU D 126 -15.10 3.47 21.19
C GLU D 126 -14.84 3.39 22.69
N LYS D 127 -13.61 3.63 23.12
CA LYS D 127 -13.32 3.69 24.55
C LYS D 127 -14.24 4.70 25.23
N ASP D 128 -14.33 5.90 24.66
CA ASP D 128 -15.08 6.99 25.27
C ASP D 128 -16.59 6.95 25.03
N ARG D 129 -17.03 6.41 23.89
CA ARG D 129 -18.44 6.53 23.50
C ARG D 129 -19.41 5.91 24.50
N LEU D 130 -19.15 4.67 24.93
CA LEU D 130 -20.11 4.02 25.82
C LEU D 130 -20.20 4.79 27.13
N ALA D 131 -19.10 5.38 27.57
CA ALA D 131 -19.09 6.26 28.71
C ALA D 131 -19.91 7.47 28.26
N ASP D 138 -22.22 8.66 15.52
CA ASP D 138 -21.68 8.17 14.26
C ASP D 138 -20.38 7.42 14.46
N MET D 139 -20.24 6.30 13.78
CA MET D 139 -19.08 5.41 13.87
C MET D 139 -18.34 5.53 12.53
N GLU D 140 -17.29 6.35 12.50
CA GLU D 140 -16.59 6.57 11.25
C GLU D 140 -15.71 5.36 10.93
N SER D 141 -15.27 5.29 9.68
CA SER D 141 -14.43 4.21 9.19
C SER D 141 -13.00 4.69 9.00
N GLU D 142 -12.08 3.72 8.90
CA GLU D 142 -10.67 4.06 8.69
C GLU D 142 -10.50 5.02 7.53
N THR D 143 -11.19 4.78 6.42
CA THR D 143 -11.07 5.64 5.26
C THR D 143 -11.65 7.03 5.54
N ASP D 144 -12.78 7.09 6.24
CA ASP D 144 -13.35 8.38 6.61
C ASP D 144 -12.34 9.21 7.39
N ILE D 145 -11.61 8.57 8.30
CA ILE D 145 -10.70 9.29 9.18
C ILE D 145 -9.43 9.68 8.44
N LEU D 146 -8.91 8.80 7.57
CA LEU D 146 -7.78 9.22 6.74
C LEU D 146 -8.17 10.42 5.89
N LEU D 147 -9.38 10.42 5.35
CA LEU D 147 -9.88 11.58 4.61
C LEU D 147 -9.88 12.82 5.50
N HIS D 148 -10.53 12.73 6.68
CA HIS D 148 -10.59 13.86 7.60
C HIS D 148 -9.21 14.42 7.87
N GLN D 149 -8.20 13.54 8.03
CA GLN D 149 -6.87 14.05 8.36
C GLN D 149 -6.20 14.68 7.14
N GLN D 150 -6.34 14.06 5.97
CA GLN D 150 -5.78 14.68 4.76
C GLN D 150 -6.43 16.03 4.50
N VAL D 151 -7.72 16.16 4.81
CA VAL D 151 -8.42 17.42 4.61
C VAL D 151 -7.95 18.46 5.61
N ASN D 152 -7.82 18.07 6.88
CA ASN D 152 -7.21 18.98 7.86
C ASN D 152 -5.86 19.45 7.37
N ARG D 153 -5.07 18.53 6.82
CA ARG D 153 -3.74 18.89 6.31
C ARG D 153 -3.84 19.93 5.20
N MET D 154 -4.71 19.69 4.21
CA MET D 154 -4.85 20.65 3.12
C MET D 154 -5.27 22.01 3.65
N PHE D 155 -6.20 22.04 4.62
CA PHE D 155 -6.64 23.31 5.19
C PHE D 155 -5.50 24.05 5.86
N ALA D 156 -4.71 23.34 6.68
CA ALA D 156 -3.62 24.00 7.40
C ALA D 156 -2.59 24.56 6.42
N VAL D 157 -2.24 23.78 5.40
CA VAL D 157 -1.25 24.25 4.42
C VAL D 157 -1.80 25.44 3.64
N SER D 158 -3.08 25.37 3.26
CA SER D 158 -3.76 26.42 2.48
C SER D 158 -3.76 27.71 3.30
N TYR D 159 -4.01 27.59 4.60
CA TYR D 159 -4.04 28.73 5.54
C TYR D 159 -2.63 29.32 5.57
N SER D 160 -1.63 28.45 5.60
CA SER D 160 -0.20 28.84 5.63
C SER D 160 0.19 29.60 4.37
N ALA D 161 -0.24 29.16 3.19
CA ALA D 161 0.14 29.83 1.93
C ALA D 161 -0.43 31.25 1.97
N ILE D 162 -1.67 31.41 2.41
CA ILE D 162 -2.40 32.71 2.50
C ILE D 162 -1.81 33.63 3.59
N ASN D 163 -1.49 33.10 4.78
CA ASN D 163 -1.04 33.91 5.94
C ASN D 163 0.46 33.80 6.26
N GLN D 164 1.25 33.05 5.49
CA GLN D 164 2.72 32.90 5.75
C GLN D 164 2.98 32.50 7.20
N CYS D 165 2.43 31.38 7.67
CA CYS D 165 2.63 30.85 9.04
C CYS D 165 3.12 29.40 8.97
N TYR D 166 3.91 28.94 9.96
CA TYR D 166 4.51 27.57 10.01
C TYR D 166 3.45 26.47 10.09
N VAL D 167 3.79 25.25 9.62
CA VAL D 167 2.93 24.07 9.66
C VAL D 167 3.75 22.92 10.24
N LYS D 168 3.39 22.47 11.43
CA LYS D 168 4.11 21.43 12.15
C LYS D 168 3.23 20.20 12.30
N ILE D 169 3.65 19.09 11.71
CA ILE D 169 2.88 17.86 11.69
C ILE D 169 3.55 16.87 12.63
N ILE D 170 2.87 16.57 13.74
CA ILE D 170 3.37 15.64 14.74
C ILE D 170 2.81 14.26 14.45
N ASP D 171 3.71 13.31 14.20
CA ASP D 171 3.34 11.96 13.83
C ASP D 171 3.02 11.14 15.08
N LEU D 172 1.82 10.59 15.13
CA LEU D 172 1.39 9.70 16.20
C LEU D 172 0.74 8.44 15.62
N THR D 173 1.11 8.09 14.39
CA THR D 173 0.56 6.91 13.74
C THR D 173 1.29 5.63 14.11
N TRP D 174 2.43 5.74 14.80
CA TRP D 174 3.17 4.56 15.21
C TRP D 174 2.48 3.89 16.38
N PRO D 175 2.79 2.61 16.64
CA PRO D 175 2.09 1.89 17.71
C PRO D 175 2.57 2.29 19.11
N GLN D 176 1.61 2.35 20.04
CA GLN D 176 1.94 2.69 21.42
C GLN D 176 2.56 1.49 22.12
N GLU D 177 3.76 1.68 22.67
CA GLU D 177 4.38 0.67 23.52
C GLU D 177 3.75 0.62 24.90
N TYR D 178 3.09 1.70 25.33
CA TYR D 178 2.36 1.78 26.59
C TYR D 178 1.30 2.87 26.46
N GLU D 179 0.18 2.68 27.15
CA GLU D 179 -0.94 3.60 26.98
C GLU D 179 -0.55 5.01 27.42
N PHE D 180 -1.05 6.00 26.66
CA PHE D 180 -0.80 7.42 26.89
C PHE D 180 0.60 7.85 26.49
N GLN D 181 1.28 7.05 25.66
CA GLN D 181 2.60 7.46 25.16
C GLN D 181 2.47 8.48 24.04
N HIS D 182 1.44 8.36 23.21
CA HIS D 182 1.17 9.38 22.21
C HIS D 182 1.06 10.75 22.86
N THR D 183 0.23 10.86 23.89
CA THR D 183 0.04 12.13 24.57
C THR D 183 1.37 12.67 25.10
N GLU D 184 2.16 11.80 25.74
CA GLU D 184 3.44 12.22 26.30
C GLU D 184 4.38 12.73 25.22
N TYR D 185 4.56 11.95 24.14
CA TYR D 185 5.45 12.35 23.07
C TYR D 185 5.02 13.67 22.44
N ALA D 186 3.72 13.84 22.21
CA ALA D 186 3.22 15.09 21.63
C ALA D 186 3.50 16.27 22.54
N VAL D 187 3.19 16.11 23.84
CA VAL D 187 3.44 17.21 24.78
C VAL D 187 4.91 17.58 24.78
N ASN D 188 5.80 16.58 24.78
CA ASN D 188 7.23 16.87 24.84
C ASN D 188 7.70 17.56 23.57
N LYS D 189 7.24 17.11 22.40
CA LYS D 189 7.62 17.78 21.17
C LYS D 189 7.16 19.22 21.18
N ILE D 190 5.92 19.46 21.60
CA ILE D 190 5.39 20.82 21.57
C ILE D 190 6.17 21.72 22.53
N ILE D 191 6.47 21.22 23.73
CA ILE D 191 7.23 22.01 24.69
C ILE D 191 8.60 22.34 24.11
N GLU D 192 9.35 21.30 23.74
CA GLU D 192 10.62 21.45 23.04
C GLU D 192 10.51 22.55 21.99
N MET D 193 9.42 22.55 21.22
CA MET D 193 9.25 23.56 20.20
C MET D 193 9.13 24.94 20.82
N LEU D 194 8.40 25.06 21.93
CA LEU D 194 8.15 26.37 22.52
C LEU D 194 9.41 26.98 23.12
N ASN D 195 10.23 26.19 23.80
CA ASN D 195 11.41 26.72 24.49
C ASN D 195 12.64 26.73 23.60
N PHE D 196 12.47 26.97 22.31
CA PHE D 196 13.58 26.95 21.37
C PHE D 196 14.31 28.29 21.39
N MET E 1 -30.21 26.42 -2.45
CA MET E 1 -28.76 26.28 -2.12
C MET E 1 -27.95 26.08 -3.38
N ARG E 2 -26.64 26.36 -3.29
CA ARG E 2 -25.78 26.36 -4.47
C ARG E 2 -24.56 25.50 -4.23
N PHE E 3 -24.38 24.52 -5.11
CA PHE E 3 -23.29 23.56 -5.04
C PHE E 3 -22.64 23.42 -6.40
N ILE E 4 -21.31 23.50 -6.41
CA ILE E 4 -20.52 23.25 -7.61
C ILE E 4 -20.16 21.76 -7.68
N LEU E 5 -20.57 21.09 -8.76
CA LEU E 5 -20.34 19.67 -8.93
C LEU E 5 -19.14 19.43 -9.84
N THR E 6 -18.19 18.63 -9.35
CA THR E 6 -16.97 18.41 -10.11
C THR E 6 -16.52 16.95 -10.04
N GLY E 7 -15.62 16.59 -10.94
CA GLY E 7 -15.07 15.25 -10.97
C GLY E 7 -14.01 15.12 -12.05
N VAL E 8 -13.36 13.95 -12.06
CA VAL E 8 -12.35 13.64 -13.06
C VAL E 8 -13.12 13.56 -14.38
N PRO E 9 -12.47 13.81 -15.51
CA PRO E 9 -13.20 13.91 -16.77
C PRO E 9 -13.92 12.62 -17.16
N GLY E 10 -15.04 12.79 -17.84
CA GLY E 10 -15.70 11.69 -18.52
C GLY E 10 -15.98 10.45 -17.71
N ALA E 11 -16.12 10.60 -16.40
CA ALA E 11 -16.37 9.48 -15.50
C ALA E 11 -17.84 9.23 -15.21
N GLY E 12 -18.73 10.12 -15.64
CA GLY E 12 -20.15 9.95 -15.42
C GLY E 12 -20.78 11.10 -14.66
N LYS E 13 -20.01 12.17 -14.46
CA LYS E 13 -20.52 13.36 -13.77
C LYS E 13 -21.69 13.98 -14.53
N THR E 14 -21.54 14.09 -15.86
CA THR E 14 -22.57 14.75 -16.64
C THR E 14 -23.88 13.98 -16.63
N THR E 15 -23.81 12.65 -16.59
CA THR E 15 -25.04 11.87 -16.50
C THR E 15 -25.77 12.20 -15.19
N VAL E 16 -25.01 12.36 -14.11
CA VAL E 16 -25.62 12.74 -12.83
C VAL E 16 -26.32 14.08 -12.97
N CYS E 17 -25.68 15.04 -13.66
CA CYS E 17 -26.31 16.34 -13.85
C CYS E 17 -27.60 16.20 -14.67
N ASN E 18 -27.54 15.45 -15.76
CA ASN E 18 -28.72 15.29 -16.62
C ASN E 18 -29.87 14.64 -15.85
N LYS E 19 -29.58 13.67 -14.98
CA LYS E 19 -30.65 13.04 -14.21
C LYS E 19 -31.15 13.93 -13.08
N LEU E 20 -30.26 14.72 -12.49
CA LEU E 20 -30.67 15.65 -11.44
C LEU E 20 -31.64 16.69 -11.98
N ALA E 21 -31.35 17.27 -13.15
CA ALA E 21 -32.27 18.26 -13.70
C ALA E 21 -33.68 17.69 -13.87
N GLU E 22 -33.77 16.42 -14.27
CA GLU E 22 -35.06 15.77 -14.42
C GLU E 22 -35.75 15.60 -13.07
N LYS E 23 -35.00 15.15 -12.06
CA LYS E 23 -35.64 14.68 -10.84
C LYS E 23 -36.06 15.77 -9.84
N MET E 24 -35.33 16.88 -9.76
CA MET E 24 -35.56 17.91 -8.76
C MET E 24 -36.38 19.07 -9.31
N SER E 25 -37.36 19.52 -8.54
CA SER E 25 -38.11 20.73 -8.88
C SER E 25 -37.45 21.96 -8.29
N ASN E 26 -37.57 23.06 -9.04
CA ASN E 26 -36.95 24.36 -8.82
C ASN E 26 -35.43 24.28 -8.87
N LEU E 27 -34.90 23.27 -9.56
CA LEU E 27 -33.46 23.08 -9.64
C LEU E 27 -33.01 23.40 -11.05
N SER E 28 -32.02 24.28 -11.17
CA SER E 28 -31.40 24.60 -12.45
C SER E 28 -30.00 24.01 -12.47
N VAL E 29 -29.72 23.15 -13.46
CA VAL E 29 -28.42 22.53 -13.64
C VAL E 29 -27.80 23.18 -14.87
N VAL E 30 -26.55 23.61 -14.75
CA VAL E 30 -25.89 24.39 -15.80
C VAL E 30 -24.43 23.97 -15.89
N ASN E 31 -23.89 23.88 -17.11
CA ASN E 31 -22.50 23.50 -17.34
C ASN E 31 -21.67 24.74 -17.67
N TYR E 32 -20.63 24.99 -16.87
CA TYR E 32 -19.84 26.21 -17.03
C TYR E 32 -19.20 26.30 -18.42
N GLY E 33 -18.63 25.20 -18.93
CA GLY E 33 -18.00 25.26 -20.25
C GLY E 33 -18.95 25.66 -21.35
N ASP E 34 -20.19 25.16 -21.29
CA ASP E 34 -21.18 25.49 -22.32
C ASP E 34 -21.61 26.94 -22.24
N VAL E 35 -21.82 27.47 -21.03
CA VAL E 35 -22.17 28.88 -20.88
C VAL E 35 -21.02 29.77 -21.34
N ILE E 36 -19.79 29.37 -21.02
CA ILE E 36 -18.62 30.09 -21.50
C ILE E 36 -18.60 30.13 -23.01
N PHE E 37 -18.82 28.97 -23.63
CA PHE E 37 -18.83 28.88 -25.09
C PHE E 37 -19.90 29.78 -25.71
N GLU E 38 -21.09 29.80 -25.11
CA GLU E 38 -22.14 30.68 -25.65
C GLU E 38 -21.70 32.15 -25.60
N GLU E 39 -21.20 32.60 -24.44
CA GLU E 39 -20.77 33.99 -24.35
C GLU E 39 -19.58 34.28 -25.25
N ALA E 40 -18.78 33.24 -25.55
CA ALA E 40 -17.65 33.42 -26.44
C ALA E 40 -18.11 33.63 -27.88
N LYS E 41 -19.14 32.90 -28.29
CA LYS E 41 -19.71 33.10 -29.61
C LYS E 41 -20.37 34.47 -29.71
N LYS E 42 -21.12 34.85 -28.69
CA LYS E 42 -21.80 36.15 -28.68
C LYS E 42 -20.79 37.30 -28.76
N LEU E 43 -19.73 37.22 -27.95
CA LEU E 43 -18.80 38.34 -27.84
C LEU E 43 -17.79 38.37 -28.97
N TYR E 44 -17.42 37.22 -29.53
CA TYR E 44 -16.47 37.16 -30.64
C TYR E 44 -16.99 36.22 -31.73
N PRO E 45 -18.04 36.60 -32.45
CA PRO E 45 -18.52 35.66 -33.48
C PRO E 45 -17.44 35.31 -34.50
N SER E 46 -16.53 36.25 -34.79
CA SER E 46 -15.50 36.04 -35.81
C SER E 46 -14.51 34.92 -35.43
N ILE E 47 -14.01 34.93 -34.20
CA ILE E 47 -12.92 34.02 -33.84
C ILE E 47 -13.43 32.69 -33.30
N ILE E 48 -14.53 32.71 -32.56
CA ILE E 48 -15.10 31.54 -31.90
C ILE E 48 -16.19 30.97 -32.79
N GLN E 49 -15.97 29.80 -33.35
CA GLN E 49 -16.98 29.07 -34.10
C GLN E 49 -17.29 27.71 -33.47
N VAL E 50 -16.29 27.05 -32.86
CA VAL E 50 -16.43 25.80 -32.13
C VAL E 50 -16.10 25.95 -30.64
N ARG E 51 -16.52 24.95 -29.86
CA ARG E 51 -16.28 25.01 -28.43
C ARG E 51 -14.82 24.83 -28.05
N GLU E 52 -14.01 24.24 -28.93
CA GLU E 52 -12.56 24.16 -28.73
C GLU E 52 -11.84 25.45 -29.10
N ASP E 53 -12.49 26.35 -29.84
CA ASP E 53 -11.85 27.61 -30.20
C ASP E 53 -11.54 28.49 -28.99
N THR E 54 -12.14 28.21 -27.82
CA THR E 54 -11.87 29.05 -26.65
C THR E 54 -10.38 29.13 -26.33
N ARG E 55 -9.62 28.08 -26.65
CA ARG E 55 -8.17 28.09 -26.45
C ARG E 55 -7.48 29.18 -27.26
N LYS E 56 -8.02 29.51 -28.43
CA LYS E 56 -7.34 30.45 -29.32
C LYS E 56 -7.44 31.88 -28.83
N LEU E 57 -8.38 32.17 -27.92
CA LEU E 57 -8.54 33.52 -27.41
C LEU E 57 -7.35 33.88 -26.52
N PRO E 58 -7.06 35.18 -26.38
CA PRO E 58 -6.10 35.60 -25.35
C PRO E 58 -6.64 35.37 -23.95
N ARG E 59 -5.76 34.97 -23.02
CA ARG E 59 -6.20 34.59 -21.69
C ARG E 59 -6.83 35.76 -20.93
N ALA E 60 -6.44 37.00 -21.23
CA ALA E 60 -7.13 38.14 -20.63
C ALA E 60 -8.59 38.17 -21.13
N ASP E 61 -8.77 38.02 -22.43
CA ASP E 61 -10.11 37.96 -23.00
C ASP E 61 -10.87 36.71 -22.52
N TYR E 62 -10.18 35.56 -22.45
CA TYR E 62 -10.86 34.36 -21.95
C TYR E 62 -11.34 34.56 -20.52
N ARG E 63 -10.52 35.22 -19.69
CA ARG E 63 -10.94 35.47 -18.31
C ARG E 63 -12.12 36.46 -18.28
N ASN E 64 -12.09 37.48 -19.16
CA ASN E 64 -13.19 38.43 -19.23
C ASN E 64 -14.50 37.69 -19.59
N ILE E 65 -14.41 36.72 -20.50
CA ILE E 65 -15.58 35.90 -20.81
C ILE E 65 -16.00 35.05 -19.62
N GLN E 66 -15.02 34.46 -18.93
CA GLN E 66 -15.34 33.62 -17.79
C GLN E 66 -16.10 34.41 -16.74
N ILE E 67 -15.66 35.64 -16.49
CA ILE E 67 -16.28 36.55 -15.49
C ILE E 67 -17.74 36.75 -15.89
N GLU E 68 -17.98 36.99 -17.18
CA GLU E 68 -19.33 37.21 -17.76
C GLU E 68 -20.16 35.93 -17.60
N ALA E 69 -19.54 34.76 -17.80
CA ALA E 69 -20.22 33.45 -17.68
C ALA E 69 -20.69 33.29 -16.24
N ALA E 70 -19.85 33.67 -15.27
CA ALA E 70 -20.15 33.62 -13.82
C ALA E 70 -21.30 34.58 -13.53
N LYS E 71 -21.27 35.77 -14.16
CA LYS E 71 -22.29 36.84 -14.01
C LYS E 71 -23.64 36.31 -14.48
N LYS E 72 -23.65 35.54 -15.58
CA LYS E 72 -24.89 34.96 -16.16
C LYS E 72 -25.46 33.93 -15.18
N ILE E 73 -24.60 33.10 -14.60
CA ILE E 73 -24.95 32.03 -13.62
C ILE E 73 -25.17 32.63 -12.23
N GLY E 74 -24.74 33.87 -11.99
CA GLY E 74 -24.87 34.55 -10.69
C GLY E 74 -26.31 34.73 -10.27
N LEU E 75 -27.23 35.00 -11.20
CA LEU E 75 -28.67 35.23 -10.90
C LEU E 75 -29.54 34.29 -11.73
N ILE E 76 -29.76 33.06 -11.28
CA ILE E 76 -30.61 32.06 -11.99
C ILE E 76 -31.77 31.62 -11.08
N THR E 77 -31.50 30.83 -10.03
CA THR E 77 -32.52 30.27 -9.09
C THR E 77 -31.87 30.00 -7.74
N ASP E 78 -32.67 29.86 -6.68
CA ASP E 78 -32.19 29.59 -5.29
C ASP E 78 -31.52 28.22 -5.27
N ASN E 79 -32.07 27.25 -6.02
CA ASN E 79 -31.53 25.87 -6.13
C ASN E 79 -30.73 25.79 -7.43
N LEU E 80 -29.46 25.36 -7.41
CA LEU E 80 -28.59 25.34 -8.61
C LEU E 80 -27.45 24.31 -8.45
N ILE E 81 -27.02 23.67 -9.54
CA ILE E 81 -25.91 22.67 -9.56
C ILE E 81 -25.05 23.02 -10.79
N VAL E 82 -23.83 23.54 -10.61
CA VAL E 82 -22.94 24.01 -11.67
C VAL E 82 -21.96 22.89 -12.01
N ASP E 83 -22.12 22.32 -13.20
CA ASP E 83 -21.28 21.22 -13.70
C ASP E 83 -20.01 21.83 -14.25
N THR E 84 -18.94 21.78 -13.47
CA THR E 84 -17.65 22.30 -13.90
C THR E 84 -16.59 21.35 -13.35
N HIS E 85 -15.34 21.80 -13.34
CA HIS E 85 -14.19 20.95 -13.07
C HIS E 85 -13.20 21.71 -12.21
N MET E 86 -12.73 21.08 -11.14
CA MET E 86 -11.73 21.73 -10.31
C MET E 86 -10.46 22.03 -11.11
N SER E 87 -10.04 21.08 -11.94
CA SER E 87 -8.78 21.21 -12.64
C SER E 87 -8.78 20.34 -13.89
N LEU E 88 -8.08 20.79 -14.91
CA LEU E 88 -7.92 20.07 -16.15
C LEU E 88 -6.43 19.86 -16.42
N LYS E 89 -6.09 18.70 -16.95
CA LYS E 89 -4.70 18.36 -17.26
C LYS E 89 -4.35 18.89 -18.64
N THR E 90 -3.18 19.51 -18.74
CA THR E 90 -2.69 20.11 -19.97
C THR E 90 -1.21 19.77 -20.14
N PRO E 91 -0.63 19.99 -21.32
CA PRO E 91 0.81 19.75 -21.47
C PRO E 91 1.65 20.50 -20.45
N TYR E 92 1.16 21.65 -19.99
CA TYR E 92 1.89 22.49 -19.04
C TYR E 92 1.57 22.14 -17.59
N GLY E 93 0.74 21.14 -17.33
CA GLY E 93 0.35 20.74 -15.99
C GLY E 93 -1.14 20.90 -15.77
N PHE E 94 -1.55 20.78 -14.51
CA PHE E 94 -2.95 20.99 -14.16
C PHE E 94 -3.26 22.48 -14.12
N TYR E 95 -4.47 22.86 -14.56
CA TYR E 95 -4.91 24.27 -14.57
C TYR E 95 -6.32 24.35 -13.99
N PRO E 96 -6.58 25.31 -13.10
CA PRO E 96 -7.92 25.38 -12.48
C PRO E 96 -8.98 25.87 -13.46
N GLY E 97 -10.16 25.25 -13.37
CA GLY E 97 -11.26 25.66 -14.21
C GLY E 97 -11.97 26.91 -13.71
N LEU E 98 -11.96 27.12 -12.41
CA LEU E 98 -12.55 28.30 -11.80
C LEU E 98 -11.49 29.37 -11.57
N ILE E 99 -11.93 30.63 -11.60
CA ILE E 99 -11.12 31.76 -11.17
C ILE E 99 -11.75 32.30 -9.90
N PRO E 100 -11.00 33.01 -9.03
CA PRO E 100 -11.62 33.51 -7.80
C PRO E 100 -12.88 34.33 -8.03
N GLU E 101 -12.90 35.13 -9.11
CA GLU E 101 -14.09 35.91 -9.40
C GLU E 101 -15.32 35.02 -9.55
N THR E 102 -15.15 33.84 -10.16
CA THR E 102 -16.29 32.94 -10.36
C THR E 102 -16.94 32.58 -9.04
N ILE E 103 -16.13 32.22 -8.05
CA ILE E 103 -16.66 31.85 -6.74
C ILE E 103 -17.29 33.06 -6.06
N ASN E 104 -16.58 34.19 -6.08
CA ASN E 104 -17.14 35.40 -5.50
C ASN E 104 -18.50 35.74 -6.08
N ILE E 105 -18.70 35.43 -7.35
CA ILE E 105 -19.95 35.78 -8.04
C ILE E 105 -21.04 34.78 -7.70
N ILE E 106 -20.79 33.50 -7.92
CA ILE E 106 -21.85 32.52 -7.71
C ILE E 106 -22.13 32.34 -6.22
N GLN E 107 -21.14 32.58 -5.37
CA GLN E 107 -21.21 32.38 -3.92
C GLN E 107 -21.87 31.03 -3.65
N PRO E 108 -21.24 29.94 -4.09
CA PRO E 108 -21.82 28.61 -3.83
C PRO E 108 -21.80 28.28 -2.36
N ASP E 109 -22.84 27.60 -1.90
CA ASP E 109 -22.82 27.09 -0.53
C ASP E 109 -21.73 26.05 -0.37
N GLY E 110 -21.52 25.23 -1.41
CA GLY E 110 -20.51 24.19 -1.27
C GLY E 110 -19.96 23.68 -2.58
N ILE E 111 -18.92 22.85 -2.46
CA ILE E 111 -18.34 22.11 -3.58
C ILE E 111 -18.54 20.62 -3.32
N ILE E 112 -18.86 19.89 -4.39
CA ILE E 112 -19.06 18.45 -4.34
C ILE E 112 -18.06 17.82 -5.30
N LEU E 113 -17.35 16.81 -4.81
CA LEU E 113 -16.37 16.09 -5.59
C LEU E 113 -16.83 14.65 -5.69
N LEU E 114 -17.15 14.20 -6.90
CA LEU E 114 -17.46 12.79 -7.14
C LEU E 114 -16.14 12.05 -7.35
N GLU E 115 -15.74 11.22 -6.38
CA GLU E 115 -14.46 10.52 -6.43
C GLU E 115 -14.71 9.04 -6.73
N PHE E 116 -14.26 8.59 -7.90
CA PHE E 116 -14.47 7.22 -8.33
C PHE E 116 -13.23 6.34 -8.12
N ASN E 117 -13.39 5.03 -8.37
CA ASN E 117 -12.24 4.14 -8.47
C ASN E 117 -11.64 4.26 -9.87
N PRO E 118 -10.31 4.33 -9.99
CA PRO E 118 -9.72 4.56 -11.32
C PRO E 118 -10.07 3.49 -12.33
N ARG E 119 -10.24 2.24 -11.90
CA ARG E 119 -10.59 1.18 -12.84
C ARG E 119 -11.94 1.46 -13.47
N ASP E 120 -12.92 1.85 -12.64
CA ASP E 120 -14.23 2.20 -13.14
C ASP E 120 -14.14 3.36 -14.12
N VAL E 121 -13.29 4.35 -13.82
CA VAL E 121 -13.16 5.51 -14.70
C VAL E 121 -12.59 5.09 -16.05
N ILE E 122 -11.54 4.27 -16.03
CA ILE E 122 -10.92 3.85 -17.28
C ILE E 122 -11.92 3.10 -18.15
N ALA E 123 -12.60 2.12 -17.56
CA ALA E 123 -13.57 1.33 -18.31
C ALA E 123 -14.72 2.19 -18.81
N ARG E 124 -15.19 3.15 -18.01
CA ARG E 124 -16.29 4.01 -18.42
C ARG E 124 -15.85 4.94 -19.55
N ARG E 125 -14.62 5.44 -19.49
CA ARG E 125 -14.11 6.29 -20.54
C ARG E 125 -14.00 5.51 -21.86
N GLU E 126 -13.55 4.26 -21.80
CA GLU E 126 -13.47 3.47 -23.02
C GLU E 126 -14.86 3.11 -23.56
N LYS E 127 -15.81 2.81 -22.66
CA LYS E 127 -17.21 2.61 -23.03
C LYS E 127 -17.72 3.80 -23.82
N ASP E 128 -17.50 5.02 -23.31
CA ASP E 128 -18.03 6.26 -23.93
C ASP E 128 -17.30 6.49 -25.26
N ARG E 129 -16.03 6.07 -25.34
CA ARG E 129 -15.20 6.27 -26.55
C ARG E 129 -15.85 5.55 -27.73
N LEU E 130 -16.30 4.31 -27.54
CA LEU E 130 -16.93 3.50 -28.62
C LEU E 130 -18.22 4.18 -29.08
N ALA E 131 -19.03 4.66 -28.14
CA ALA E 131 -20.31 5.34 -28.40
C ALA E 131 -20.04 6.68 -29.10
N GLY E 132 -18.88 7.28 -28.80
CA GLY E 132 -18.44 8.57 -29.36
C GLY E 132 -18.90 9.75 -28.52
N LYS E 133 -19.39 9.50 -27.30
CA LYS E 133 -19.91 10.58 -26.44
C LYS E 133 -18.84 11.62 -26.13
N ARG E 134 -17.66 11.19 -25.67
CA ARG E 134 -16.55 12.08 -25.25
C ARG E 134 -15.22 11.47 -25.65
N VAL E 135 -14.83 11.61 -26.92
CA VAL E 135 -13.59 10.99 -27.46
C VAL E 135 -12.37 11.85 -27.11
N THR E 136 -11.95 11.83 -25.85
CA THR E 136 -10.73 12.53 -25.38
C THR E 136 -9.59 11.60 -25.76
N ARG E 137 -8.68 12.00 -26.65
CA ARG E 137 -7.62 11.10 -27.19
C ARG E 137 -6.69 10.61 -26.10
N ASP E 138 -6.38 11.44 -25.10
CA ASP E 138 -5.43 11.06 -24.02
C ASP E 138 -5.97 9.82 -23.30
N MET E 139 -5.13 8.80 -23.05
CA MET E 139 -5.52 7.57 -22.31
C MET E 139 -4.71 7.55 -21.03
N GLU E 140 -5.30 7.85 -19.87
CA GLU E 140 -4.59 7.94 -18.57
C GLU E 140 -4.52 6.54 -17.96
N SER E 141 -3.71 6.43 -16.91
CA SER E 141 -3.46 5.22 -16.12
C SER E 141 -4.08 5.40 -14.73
N GLU E 142 -4.15 4.29 -14.00
CA GLU E 142 -4.70 4.32 -12.65
C GLU E 142 -4.05 5.43 -11.83
N THR E 143 -2.73 5.49 -11.89
CA THR E 143 -1.98 6.44 -11.08
C THR E 143 -2.23 7.87 -11.53
N ASP E 144 -2.29 8.10 -12.84
CA ASP E 144 -2.62 9.44 -13.32
C ASP E 144 -3.95 9.92 -12.75
N ILE E 145 -4.94 9.03 -12.68
CA ILE E 145 -6.27 9.43 -12.25
C ILE E 145 -6.32 9.64 -10.73
N LEU E 146 -5.69 8.76 -9.95
CA LEU E 146 -5.62 8.99 -8.52
C LEU E 146 -4.93 10.33 -8.23
N LEU E 147 -3.86 10.62 -8.96
CA LEU E 147 -3.22 11.93 -8.84
C LEU E 147 -4.22 13.05 -9.11
N HIS E 148 -4.85 13.01 -10.29
CA HIS E 148 -5.81 14.03 -10.68
C HIS E 148 -6.87 14.25 -9.60
N GLN E 149 -7.32 13.17 -8.96
CA GLN E 149 -8.37 13.28 -7.96
C GLN E 149 -7.85 13.92 -6.68
N GLN E 150 -6.67 13.52 -6.23
CA GLN E 150 -6.07 14.18 -5.07
C GLN E 150 -5.87 15.67 -5.33
N VAL E 151 -5.55 16.03 -6.58
CA VAL E 151 -5.34 17.43 -6.93
C VAL E 151 -6.66 18.18 -6.91
N ASN E 152 -7.70 17.60 -7.49
CA ASN E 152 -9.03 18.18 -7.36
C ASN E 152 -9.36 18.42 -5.89
N ARG E 153 -9.00 17.44 -5.04
CA ARG E 153 -9.25 17.53 -3.60
C ARG E 153 -8.55 18.75 -3.00
N MET E 154 -7.26 18.90 -3.29
CA MET E 154 -6.52 20.04 -2.75
C MET E 154 -7.12 21.36 -3.23
N PHE E 155 -7.50 21.44 -4.51
CA PHE E 155 -8.10 22.66 -5.02
C PHE E 155 -9.38 23.01 -4.27
N ALA E 156 -10.25 22.02 -4.07
CA ALA E 156 -11.52 22.29 -3.40
C ALA E 156 -11.27 22.78 -1.98
N VAL E 157 -10.31 22.16 -1.28
CA VAL E 157 -10.03 22.58 0.09
C VAL E 157 -9.43 23.97 0.10
N SER E 158 -8.60 24.30 -0.88
CA SER E 158 -8.03 25.65 -0.95
C SER E 158 -9.12 26.69 -1.17
N TYR E 159 -9.99 26.45 -2.16
CA TYR E 159 -11.12 27.33 -2.39
C TYR E 159 -11.96 27.48 -1.14
N SER E 160 -12.06 26.41 -0.36
CA SER E 160 -12.82 26.44 0.90
C SER E 160 -12.09 27.35 1.89
N ALA E 161 -10.79 27.18 2.05
CA ALA E 161 -9.99 27.96 3.02
C ALA E 161 -10.11 29.45 2.69
N ILE E 162 -10.14 29.81 1.41
CA ILE E 162 -10.23 31.24 0.98
C ILE E 162 -11.66 31.78 1.07
N ASN E 163 -12.63 31.14 0.41
CA ASN E 163 -14.04 31.60 0.27
C ASN E 163 -14.98 31.10 1.38
N GLN E 164 -14.50 30.32 2.35
CA GLN E 164 -15.30 29.79 3.49
C GLN E 164 -16.54 29.02 3.00
N CYS E 165 -16.38 28.17 1.99
CA CYS E 165 -17.43 27.28 1.41
C CYS E 165 -17.32 25.88 2.03
N TYR E 166 -18.25 24.97 1.69
CA TYR E 166 -18.30 23.55 2.17
C TYR E 166 -17.55 22.65 1.19
N VAL E 167 -16.99 21.51 1.63
CA VAL E 167 -16.32 20.57 0.73
C VAL E 167 -16.89 19.19 1.05
N LYS E 168 -17.66 18.64 0.12
CA LYS E 168 -18.37 17.37 0.26
C LYS E 168 -17.78 16.41 -0.76
N ILE E 169 -17.23 15.30 -0.28
CA ILE E 169 -16.60 14.30 -1.12
C ILE E 169 -17.49 13.08 -1.14
N ILE E 170 -18.10 12.80 -2.30
CA ILE E 170 -18.97 11.65 -2.47
C ILE E 170 -18.13 10.48 -3.00
N ASP E 171 -18.05 9.42 -2.21
CA ASP E 171 -17.23 8.25 -2.53
C ASP E 171 -18.04 7.30 -3.41
N LEU E 172 -17.52 7.02 -4.62
CA LEU E 172 -18.14 6.10 -5.56
C LEU E 172 -17.10 5.08 -6.04
N THR E 173 -16.12 4.77 -5.20
CA THR E 173 -15.05 3.85 -5.53
C THR E 173 -15.42 2.39 -5.32
N TRP E 174 -16.54 2.10 -4.66
CA TRP E 174 -16.94 0.73 -4.43
C TRP E 174 -17.43 0.09 -5.72
N PRO E 175 -17.46 -1.24 -5.77
CA PRO E 175 -17.89 -1.91 -7.00
C PRO E 175 -19.39 -1.78 -7.18
N GLN E 176 -19.83 -1.57 -8.42
CA GLN E 176 -21.25 -1.44 -8.70
C GLN E 176 -21.89 -2.82 -8.68
N GLU E 177 -22.92 -2.98 -7.83
CA GLU E 177 -23.69 -4.22 -7.81
C GLU E 177 -24.59 -4.36 -9.03
N TYR E 178 -24.90 -3.25 -9.70
CA TYR E 178 -25.62 -3.24 -10.96
C TYR E 178 -25.26 -1.95 -11.67
N GLU E 179 -25.25 -1.99 -12.99
CA GLU E 179 -24.80 -0.82 -13.74
C GLU E 179 -25.72 0.36 -13.41
N PHE E 180 -25.13 1.56 -13.37
CA PHE E 180 -25.81 2.81 -13.07
C PHE E 180 -26.10 2.97 -11.59
N GLN E 181 -25.43 2.21 -10.72
CA GLN E 181 -25.62 2.39 -9.29
C GLN E 181 -24.84 3.56 -8.74
N HIS E 182 -23.64 3.80 -9.28
CA HIS E 182 -22.90 5.00 -8.89
C HIS E 182 -23.71 6.26 -9.12
N THR E 183 -24.26 6.43 -10.33
CA THR E 183 -25.06 7.60 -10.65
C THR E 183 -26.27 7.70 -9.72
N GLU E 184 -26.97 6.59 -9.48
CA GLU E 184 -28.14 6.62 -8.61
C GLU E 184 -27.75 7.05 -7.19
N TYR E 185 -26.71 6.44 -6.64
CA TYR E 185 -26.28 6.78 -5.29
C TYR E 185 -25.91 8.25 -5.18
N ALA E 186 -25.16 8.75 -6.16
CA ALA E 186 -24.76 10.15 -6.12
C ALA E 186 -25.98 11.07 -6.20
N VAL E 187 -26.89 10.78 -7.13
CA VAL E 187 -28.09 11.60 -7.27
C VAL E 187 -28.87 11.62 -5.96
N ASN E 188 -29.04 10.46 -5.34
CA ASN E 188 -29.83 10.40 -4.12
C ASN E 188 -29.15 11.14 -2.97
N LYS E 189 -27.83 10.99 -2.83
CA LYS E 189 -27.13 11.72 -1.79
C LYS E 189 -27.27 13.23 -1.98
N ILE E 190 -27.08 13.71 -3.21
CA ILE E 190 -27.16 15.15 -3.45
C ILE E 190 -28.56 15.66 -3.18
N ILE E 191 -29.60 14.92 -3.63
CA ILE E 191 -30.97 15.35 -3.38
C ILE E 191 -31.22 15.45 -1.88
N GLU E 192 -30.99 14.33 -1.18
CA GLU E 192 -31.04 14.33 0.29
C GLU E 192 -30.39 15.56 0.88
N MET E 193 -29.22 15.93 0.36
CA MET E 193 -28.48 17.07 0.89
C MET E 193 -29.23 18.38 0.67
N LEU E 194 -29.83 18.55 -0.51
CA LEU E 194 -30.49 19.82 -0.78
C LEU E 194 -31.74 20.00 0.08
N ASN E 195 -32.51 18.92 0.27
CA ASN E 195 -33.78 18.98 1.00
C ASN E 195 -33.62 18.72 2.49
N PHE E 196 -32.54 19.17 3.10
CA PHE E 196 -32.26 18.88 4.50
C PHE E 196 -32.99 19.79 5.47
N MET F 1 8.13 31.68 -21.67
CA MET F 1 7.29 31.20 -20.55
C MET F 1 8.09 31.12 -19.26
N ARG F 2 7.37 31.12 -18.13
CA ARG F 2 8.00 31.22 -16.81
C ARG F 2 7.51 30.12 -15.90
N PHE F 3 8.46 29.32 -15.39
CA PHE F 3 8.16 28.19 -14.52
C PHE F 3 9.04 28.22 -13.28
N ILE F 4 8.41 28.07 -12.13
CA ILE F 4 9.12 27.92 -10.86
C ILE F 4 9.37 26.44 -10.64
N LEU F 5 10.63 26.05 -10.57
CA LEU F 5 11.02 24.65 -10.44
C LEU F 5 11.31 24.35 -8.99
N THR F 6 10.71 23.26 -8.48
CA THR F 6 10.85 22.93 -7.07
C THR F 6 11.06 21.44 -6.89
N GLY F 7 11.55 21.11 -5.71
CA GLY F 7 11.74 19.73 -5.31
C GLY F 7 12.26 19.74 -3.89
N VAL F 8 12.35 18.55 -3.31
CA VAL F 8 12.95 18.40 -1.99
C VAL F 8 14.45 18.63 -2.17
N PRO F 9 15.14 19.15 -1.16
CA PRO F 9 16.55 19.53 -1.35
C PRO F 9 17.41 18.34 -1.75
N GLY F 10 18.49 18.64 -2.45
CA GLY F 10 19.51 17.63 -2.72
C GLY F 10 19.00 16.41 -3.44
N ALA F 11 17.91 16.55 -4.19
CA ALA F 11 17.35 15.45 -4.93
C ALA F 11 17.80 15.39 -6.39
N GLY F 12 18.41 16.46 -6.90
CA GLY F 12 18.81 16.51 -8.29
C GLY F 12 18.18 17.65 -9.07
N LYS F 13 17.50 18.55 -8.35
CA LYS F 13 16.91 19.72 -8.98
C LYS F 13 17.98 20.63 -9.60
N THR F 14 19.10 20.82 -8.88
CA THR F 14 20.17 21.68 -9.38
C THR F 14 20.79 21.11 -10.66
N THR F 15 20.94 19.79 -10.73
CA THR F 15 21.47 19.18 -11.95
C THR F 15 20.54 19.44 -13.13
N VAL F 16 19.23 19.31 -12.91
CA VAL F 16 18.29 19.58 -14.00
C VAL F 16 18.42 21.01 -14.48
N CYS F 17 18.56 21.97 -13.55
CA CYS F 17 18.71 23.37 -13.98
C CYS F 17 19.99 23.58 -14.78
N ASN F 18 21.12 23.07 -14.29
CA ASN F 18 22.37 23.24 -15.02
C ASN F 18 22.30 22.62 -16.42
N LYS F 19 21.70 21.44 -16.53
CA LYS F 19 21.62 20.76 -17.82
C LYS F 19 20.63 21.48 -18.76
N LEU F 20 19.57 22.08 -18.20
CA LEU F 20 18.67 22.88 -19.01
C LEU F 20 19.40 24.09 -19.56
N ALA F 21 20.16 24.79 -18.71
CA ALA F 21 20.92 25.94 -19.17
C ALA F 21 21.89 25.54 -20.28
N GLU F 22 22.47 24.34 -20.17
CA GLU F 22 23.33 23.87 -21.25
C GLU F 22 22.54 23.74 -22.55
N LYS F 23 21.37 23.12 -22.49
CA LYS F 23 20.66 22.73 -23.70
C LYS F 23 19.81 23.86 -24.32
N MET F 24 18.90 24.46 -23.56
CA MET F 24 18.04 25.50 -24.12
C MET F 24 18.89 26.72 -24.47
N SER F 25 18.67 27.25 -25.67
CA SER F 25 19.40 28.45 -26.07
C SER F 25 18.68 29.69 -25.57
N ASN F 26 17.38 29.77 -25.82
CA ASN F 26 16.56 30.92 -25.44
C ASN F 26 15.99 30.71 -24.05
N LEU F 27 16.80 30.17 -23.14
CA LEU F 27 16.36 29.97 -21.77
C LEU F 27 17.35 30.57 -20.78
N SER F 28 16.80 31.29 -19.81
CA SER F 28 17.57 31.81 -18.68
C SER F 28 17.14 30.99 -17.46
N VAL F 29 18.11 30.35 -16.82
CA VAL F 29 17.90 29.59 -15.58
C VAL F 29 18.57 30.36 -14.46
N VAL F 30 17.87 30.52 -13.34
CA VAL F 30 18.38 31.34 -12.25
C VAL F 30 17.99 30.71 -10.93
N ASN F 31 18.85 30.81 -9.93
CA ASN F 31 18.61 30.28 -8.59
C ASN F 31 18.23 31.42 -7.66
N TYR F 32 17.02 31.34 -7.10
CA TYR F 32 16.49 32.41 -6.27
C TYR F 32 17.40 32.66 -5.07
N GLY F 33 17.83 31.58 -4.42
CA GLY F 33 18.70 31.73 -3.26
C GLY F 33 19.98 32.47 -3.59
N ASP F 34 20.51 32.24 -4.80
CA ASP F 34 21.75 32.91 -5.19
C ASP F 34 21.54 34.41 -5.37
N VAL F 35 20.44 34.81 -6.00
CA VAL F 35 20.17 36.24 -6.14
C VAL F 35 19.95 36.87 -4.77
N ILE F 36 19.29 36.14 -3.87
CA ILE F 36 19.11 36.62 -2.50
C ILE F 36 20.46 36.85 -1.85
N PHE F 37 21.37 35.89 -1.99
CA PHE F 37 22.71 36.01 -1.41
C PHE F 37 23.45 37.20 -1.97
N GLU F 38 23.39 37.39 -3.29
CA GLU F 38 24.12 38.48 -3.91
C GLU F 38 23.58 39.82 -3.45
N GLU F 39 22.26 40.01 -3.50
CA GLU F 39 21.71 41.28 -3.07
C GLU F 39 21.90 41.50 -1.58
N ALA F 40 22.02 40.40 -0.81
CA ALA F 40 22.25 40.53 0.62
C ALA F 40 23.67 40.98 0.93
N LYS F 41 24.66 40.43 0.22
CA LYS F 41 26.01 40.98 0.38
C LYS F 41 26.08 42.42 -0.10
N LYS F 42 25.43 42.71 -1.22
CA LYS F 42 25.46 44.05 -1.78
C LYS F 42 24.89 45.07 -0.80
N LEU F 43 23.71 44.77 -0.24
CA LEU F 43 23.03 45.70 0.67
C LEU F 43 23.51 45.54 2.11
N TYR F 44 23.93 44.36 2.53
CA TYR F 44 24.43 44.15 3.90
C TYR F 44 25.80 43.47 3.85
N PRO F 45 26.82 44.18 3.36
CA PRO F 45 28.15 43.57 3.28
C PRO F 45 28.74 43.15 4.61
N SER F 46 28.41 43.87 5.68
CA SER F 46 29.02 43.61 6.98
C SER F 46 28.74 42.19 7.43
N ILE F 47 27.49 41.77 7.30
CA ILE F 47 27.01 40.55 7.95
C ILE F 47 27.13 39.36 7.02
N ILE F 48 26.84 39.59 5.74
CA ILE F 48 26.65 38.51 4.78
C ILE F 48 27.99 38.25 4.12
N GLN F 49 28.61 37.12 4.46
CA GLN F 49 29.83 36.70 3.78
C GLN F 49 29.64 35.36 3.08
N VAL F 50 29.09 34.37 3.79
CA VAL F 50 28.75 33.09 3.21
C VAL F 50 27.24 33.10 3.03
N ARG F 51 26.74 32.25 2.14
CA ARG F 51 25.33 32.29 1.84
C ARG F 51 24.46 31.78 3.00
N GLU F 52 25.05 31.11 3.99
CA GLU F 52 24.28 30.73 5.16
C GLU F 52 24.01 31.93 6.07
N ASP F 53 24.78 33.01 5.91
CA ASP F 53 24.58 34.20 6.74
C ASP F 53 23.21 34.79 6.54
N THR F 54 22.54 34.44 5.43
CA THR F 54 21.16 34.91 5.22
C THR F 54 20.27 34.52 6.39
N ARG F 55 20.62 33.43 7.09
CA ARG F 55 19.83 33.04 8.24
C ARG F 55 19.76 34.16 9.28
N LYS F 56 20.84 34.92 9.44
CA LYS F 56 20.95 35.84 10.56
C LYS F 56 20.19 37.15 10.37
N LEU F 57 19.82 37.50 9.13
CA LEU F 57 19.19 38.80 8.89
C LEU F 57 17.82 38.89 9.55
N PRO F 58 17.34 40.10 9.83
CA PRO F 58 15.94 40.24 10.27
C PRO F 58 15.00 39.80 9.15
N ARG F 59 13.90 39.15 9.54
CA ARG F 59 12.98 38.63 8.53
C ARG F 59 12.45 39.76 7.66
N ALA F 60 12.36 40.97 8.21
CA ALA F 60 11.97 42.12 7.41
C ALA F 60 13.01 42.41 6.34
N ASP F 61 14.29 42.46 6.73
CA ASP F 61 15.35 42.70 5.76
C ASP F 61 15.42 41.57 4.74
N TYR F 62 15.28 40.33 5.20
CA TYR F 62 15.34 39.19 4.29
C TYR F 62 14.20 39.23 3.28
N ARG F 63 13.00 39.58 3.71
CA ARG F 63 11.87 39.69 2.80
C ARG F 63 12.05 40.85 1.83
N ASN F 64 12.55 41.99 2.29
CA ASN F 64 12.84 43.08 1.37
C ASN F 64 13.86 42.64 0.33
N ILE F 65 14.86 41.85 0.75
CA ILE F 65 15.84 41.33 -0.18
C ILE F 65 15.18 40.38 -1.17
N GLN F 66 14.24 39.57 -0.69
CA GLN F 66 13.48 38.69 -1.57
C GLN F 66 12.71 39.49 -2.62
N ILE F 67 12.09 40.59 -2.21
CA ILE F 67 11.38 41.43 -3.17
C ILE F 67 12.36 42.00 -4.19
N GLU F 68 13.49 42.53 -3.71
CA GLU F 68 14.48 43.10 -4.63
C GLU F 68 14.99 42.04 -5.61
N ALA F 69 15.25 40.83 -5.11
CA ALA F 69 15.72 39.74 -5.96
C ALA F 69 14.65 39.33 -6.96
N ALA F 70 13.38 39.29 -6.53
CA ALA F 70 12.30 38.97 -7.46
C ALA F 70 12.21 40.02 -8.55
N LYS F 71 12.41 41.29 -8.20
CA LYS F 71 12.45 42.35 -9.20
C LYS F 71 13.60 42.14 -10.17
N LYS F 72 14.79 41.89 -9.61
CA LYS F 72 15.98 41.64 -10.42
C LYS F 72 15.73 40.47 -11.39
N ILE F 73 14.97 39.47 -10.94
CA ILE F 73 14.67 38.26 -11.78
C ILE F 73 13.55 38.59 -12.76
N GLY F 74 12.69 39.55 -12.43
CA GLY F 74 11.54 39.95 -13.27
C GLY F 74 11.96 40.51 -14.61
N LEU F 75 13.09 41.20 -14.64
CA LEU F 75 13.63 41.92 -15.81
C LEU F 75 13.87 41.00 -17.02
N ILE F 76 14.24 39.74 -16.80
CA ILE F 76 14.57 38.82 -17.93
C ILE F 76 13.38 38.75 -18.90
N THR F 77 13.63 38.84 -20.21
CA THR F 77 12.58 38.97 -21.27
C THR F 77 12.34 37.72 -22.12
N ASP F 78 12.86 36.55 -21.77
CA ASP F 78 12.70 35.31 -22.58
C ASP F 78 12.30 34.16 -21.63
N ASN F 79 12.22 32.91 -22.13
CA ASN F 79 11.81 31.74 -21.29
C ASN F 79 12.69 31.70 -20.05
N LEU F 80 12.11 31.51 -18.86
CA LEU F 80 12.80 31.56 -17.54
C LEU F 80 12.51 30.26 -16.79
N ILE F 81 13.41 29.87 -15.88
CA ILE F 81 13.27 28.68 -14.99
C ILE F 81 13.84 29.09 -13.63
N VAL F 82 12.99 29.38 -12.63
CA VAL F 82 13.38 29.86 -11.31
C VAL F 82 13.53 28.66 -10.38
N ASP F 83 14.78 28.36 -10.00
CA ASP F 83 15.10 27.24 -9.12
C ASP F 83 14.95 27.71 -7.67
N THR F 84 13.86 27.32 -7.04
CA THR F 84 13.64 27.68 -5.64
C THR F 84 13.01 26.45 -4.97
N HIS F 85 12.29 26.65 -3.87
N HIS F 85 12.25 26.67 -3.90
CA HIS F 85 11.66 25.57 -3.15
CA HIS F 85 11.64 25.58 -3.16
C HIS F 85 10.25 25.98 -2.75
C HIS F 85 10.23 25.98 -2.76
N MET F 86 9.35 24.99 -2.65
CA MET F 86 7.99 25.30 -2.21
C MET F 86 7.97 25.60 -0.72
N SER F 87 8.67 24.82 0.08
CA SER F 87 8.64 24.97 1.53
C SER F 87 9.88 24.30 2.11
N LEU F 88 10.35 24.85 3.22
CA LEU F 88 11.48 24.27 3.94
C LEU F 88 11.04 23.92 5.35
N LYS F 89 11.57 22.82 5.87
CA LYS F 89 11.27 22.38 7.23
C LYS F 89 12.19 23.10 8.20
N THR F 90 11.63 23.54 9.31
CA THR F 90 12.31 24.25 10.38
C THR F 90 11.85 23.63 11.67
N PRO F 91 12.55 23.92 12.77
CA PRO F 91 12.11 23.37 14.07
C PRO F 91 10.66 23.69 14.41
N TYR F 92 10.12 24.79 13.88
CA TYR F 92 8.74 25.19 14.16
C TYR F 92 7.73 24.61 13.16
N GLY F 93 8.16 23.77 12.24
CA GLY F 93 7.31 23.18 11.24
C GLY F 93 7.74 23.58 9.84
N PHE F 94 6.87 23.30 8.88
CA PHE F 94 7.14 23.71 7.50
C PHE F 94 6.84 25.19 7.34
N TYR F 95 7.62 25.87 6.50
CA TYR F 95 7.41 27.29 6.23
C TYR F 95 7.59 27.52 4.73
N PRO F 96 6.72 28.32 4.11
CA PRO F 96 6.78 28.45 2.65
C PRO F 96 8.00 29.23 2.18
N GLY F 97 8.58 28.75 1.07
CA GLY F 97 9.72 29.43 0.49
C GLY F 97 9.38 30.65 -0.33
N LEU F 98 8.22 30.66 -0.97
CA LEU F 98 7.78 31.80 -1.74
C LEU F 98 6.91 32.72 -0.89
N ILE F 99 6.97 34.01 -1.20
CA ILE F 99 6.07 34.98 -0.60
C ILE F 99 5.13 35.47 -1.70
N PRO F 100 3.93 35.95 -1.35
CA PRO F 100 3.00 36.41 -2.40
C PRO F 100 3.64 37.42 -3.32
N GLU F 101 4.47 38.31 -2.76
CA GLU F 101 5.16 39.30 -3.58
C GLU F 101 6.02 38.65 -4.65
N THR F 102 6.68 37.54 -4.32
CA THR F 102 7.54 36.88 -5.31
C THR F 102 6.75 36.48 -6.55
N ILE F 103 5.60 35.85 -6.34
CA ILE F 103 4.77 35.42 -7.46
C ILE F 103 4.18 36.64 -8.18
N ASN F 104 3.62 37.58 -7.42
CA ASN F 104 3.06 38.78 -8.04
C ASN F 104 4.06 39.51 -8.90
N ILE F 105 5.34 39.46 -8.52
CA ILE F 105 6.38 40.15 -9.26
C ILE F 105 6.80 39.36 -10.49
N ILE F 106 7.18 38.10 -10.29
CA ILE F 106 7.69 37.28 -11.38
C ILE F 106 6.58 36.89 -12.34
N GLN F 107 5.33 36.82 -11.84
CA GLN F 107 4.17 36.38 -12.62
C GLN F 107 4.53 35.09 -13.39
N PRO F 108 4.87 34.03 -12.69
CA PRO F 108 5.18 32.78 -13.40
C PRO F 108 3.93 32.20 -14.05
N ASP F 109 4.11 31.62 -15.23
CA ASP F 109 3.03 30.86 -15.85
C ASP F 109 2.73 29.59 -15.07
N GLY F 110 3.74 28.95 -14.47
CA GLY F 110 3.45 27.70 -13.78
C GLY F 110 4.45 27.32 -12.72
N ILE F 111 4.10 26.27 -11.98
CA ILE F 111 4.96 25.64 -11.00
C ILE F 111 5.24 24.22 -11.45
N ILE F 112 6.47 23.77 -11.23
CA ILE F 112 6.94 22.44 -11.58
C ILE F 112 7.46 21.78 -10.32
N LEU F 113 7.02 20.55 -10.09
CA LEU F 113 7.47 19.76 -8.94
C LEU F 113 8.17 18.51 -9.45
N LEU F 114 9.47 18.39 -9.13
CA LEU F 114 10.20 17.16 -9.38
C LEU F 114 9.98 16.26 -8.18
N GLU F 115 9.21 15.19 -8.34
CA GLU F 115 8.88 14.31 -7.22
C GLU F 115 9.67 13.02 -7.38
N PHE F 116 10.58 12.76 -6.45
CA PHE F 116 11.48 11.61 -6.49
C PHE F 116 11.03 10.51 -5.54
N ASN F 117 11.68 9.38 -5.63
CA ASN F 117 11.49 8.33 -4.64
C ASN F 117 12.35 8.64 -3.41
N PRO F 118 11.80 8.48 -2.20
CA PRO F 118 12.57 8.89 -1.01
C PRO F 118 13.89 8.18 -0.90
N ARG F 119 13.93 6.90 -1.28
CA ARG F 119 15.17 6.15 -1.25
C ARG F 119 16.22 6.76 -2.17
N ASP F 120 15.81 7.14 -3.38
CA ASP F 120 16.72 7.84 -4.28
C ASP F 120 17.19 9.15 -3.68
N VAL F 121 16.30 9.87 -3.01
CA VAL F 121 16.69 11.15 -2.42
C VAL F 121 17.76 10.95 -1.35
N ILE F 122 17.55 9.97 -0.46
CA ILE F 122 18.52 9.71 0.59
C ILE F 122 19.86 9.32 -0.02
N ALA F 123 19.83 8.38 -0.97
CA ALA F 123 21.07 7.92 -1.59
C ALA F 123 21.78 9.05 -2.32
N ARG F 124 21.03 9.93 -2.97
CA ARG F 124 21.64 11.05 -3.67
C ARG F 124 22.27 12.04 -2.71
N ARG F 125 21.62 12.30 -1.58
CA ARG F 125 22.17 13.23 -0.61
C ARG F 125 23.46 12.70 0.00
N GLU F 126 23.50 11.41 0.35
CA GLU F 126 24.76 10.85 0.87
C GLU F 126 25.82 10.76 -0.23
N LYS F 127 25.43 10.48 -1.47
CA LYS F 127 26.36 10.55 -2.60
C LYS F 127 27.01 11.93 -2.68
N ASP F 128 26.20 12.98 -2.57
CA ASP F 128 26.74 14.33 -2.68
C ASP F 128 27.61 14.67 -1.48
N ARG F 129 27.22 14.23 -0.28
CA ARG F 129 28.03 14.45 0.90
C ARG F 129 29.40 13.80 0.74
N LEU F 130 29.43 12.56 0.27
CA LEU F 130 30.68 11.84 0.09
C LEU F 130 31.55 12.52 -0.95
N ALA F 131 30.93 13.03 -2.03
CA ALA F 131 31.65 13.81 -3.02
C ALA F 131 32.01 15.21 -2.51
N GLY F 132 31.51 15.60 -1.34
CA GLY F 132 31.80 16.89 -0.75
C GLY F 132 30.73 17.94 -0.95
N LYS F 133 29.84 17.72 -1.91
CA LYS F 133 28.76 18.66 -2.20
C LYS F 133 27.73 18.68 -1.05
N MET F 139 21.04 13.49 7.40
CA MET F 139 20.34 12.23 7.25
C MET F 139 18.87 12.26 7.66
N GLU F 140 18.01 12.48 6.67
CA GLU F 140 16.57 12.41 6.85
C GLU F 140 16.09 10.97 6.70
N SER F 141 14.81 10.75 6.99
CA SER F 141 14.20 9.44 6.83
C SER F 141 13.29 9.43 5.60
N GLU F 142 13.01 8.21 5.11
CA GLU F 142 12.12 8.06 3.97
C GLU F 142 10.78 8.74 4.22
N THR F 143 10.23 8.55 5.42
CA THR F 143 8.92 9.10 5.73
C THR F 143 8.94 10.63 5.79
N ASP F 144 10.00 11.21 6.38
CA ASP F 144 10.13 12.67 6.37
C ASP F 144 10.11 13.21 4.95
N ILE F 145 10.73 12.50 4.02
CA ILE F 145 10.86 13.00 2.65
C ILE F 145 9.52 12.90 1.93
N LEU F 146 8.80 11.78 2.13
CA LEU F 146 7.46 11.68 1.57
C LEU F 146 6.56 12.78 2.10
N LEU F 147 6.63 13.06 3.40
CA LEU F 147 5.88 14.17 3.97
C LEU F 147 6.24 15.47 3.28
N HIS F 148 7.53 15.79 3.24
CA HIS F 148 7.97 17.03 2.62
C HIS F 148 7.44 17.16 1.21
N GLN F 149 7.41 16.05 0.46
CA GLN F 149 6.98 16.17 -0.94
C GLN F 149 5.47 16.37 -1.04
N GLN F 150 4.70 15.63 -0.24
CA GLN F 150 3.25 15.85 -0.23
C GLN F 150 2.93 17.29 0.18
N VAL F 151 3.73 17.85 1.08
CA VAL F 151 3.50 19.23 1.54
C VAL F 151 3.86 20.21 0.43
N ASN F 152 4.98 20.00 -0.25
CA ASN F 152 5.31 20.79 -1.43
C ASN F 152 4.14 20.77 -2.41
N ARG F 153 3.54 19.59 -2.60
CA ARG F 153 2.41 19.46 -3.51
C ARG F 153 1.26 20.36 -3.10
N MET F 154 0.86 20.29 -1.83
CA MET F 154 -0.26 21.11 -1.37
C MET F 154 0.06 22.59 -1.49
N PHE F 155 1.29 23.00 -1.16
CA PHE F 155 1.65 24.40 -1.29
C PHE F 155 1.53 24.86 -2.74
N ALA F 156 2.01 24.06 -3.69
CA ALA F 156 1.93 24.45 -5.09
C ALA F 156 0.48 24.61 -5.53
N VAL F 157 -0.39 23.67 -5.11
CA VAL F 157 -1.79 23.77 -5.50
C VAL F 157 -2.43 25.02 -4.89
N SER F 158 -2.07 25.35 -3.65
CA SER F 158 -2.60 26.57 -3.04
C SER F 158 -2.17 27.82 -3.79
N TYR F 159 -0.87 27.93 -4.09
CA TYR F 159 -0.39 29.07 -4.86
C TYR F 159 -1.09 29.17 -6.21
N SER F 160 -1.38 28.02 -6.83
CA SER F 160 -2.07 28.06 -8.12
C SER F 160 -3.50 28.56 -7.96
N ALA F 161 -4.24 28.01 -6.99
CA ALA F 161 -5.61 28.47 -6.76
C ALA F 161 -5.64 29.96 -6.46
N ILE F 162 -4.60 30.48 -5.80
CA ILE F 162 -4.55 31.90 -5.48
C ILE F 162 -4.17 32.73 -6.71
N ASN F 163 -3.14 32.32 -7.44
CA ASN F 163 -2.54 33.14 -8.49
C ASN F 163 -2.80 32.68 -9.93
N GLN F 164 -3.61 31.64 -10.15
CA GLN F 164 -4.00 31.18 -11.49
C GLN F 164 -2.79 30.86 -12.38
N CYS F 165 -2.12 29.78 -12.00
CA CYS F 165 -1.00 29.24 -12.76
C CYS F 165 -1.08 27.72 -12.90
N TYR F 166 -0.29 27.17 -13.83
CA TYR F 166 -0.28 25.72 -14.08
C TYR F 166 0.43 25.00 -12.92
N VAL F 167 0.11 23.72 -12.73
CA VAL F 167 0.80 22.85 -11.78
C VAL F 167 1.24 21.60 -12.52
N LYS F 168 2.56 21.44 -12.70
CA LYS F 168 3.14 20.35 -13.46
C LYS F 168 3.91 19.47 -12.50
N ILE F 169 3.49 18.22 -12.37
CA ILE F 169 4.12 17.26 -11.47
C ILE F 169 4.90 16.27 -12.33
N ILE F 170 6.22 16.36 -12.27
CA ILE F 170 7.10 15.48 -13.03
C ILE F 170 7.48 14.30 -12.14
N ASP F 171 7.08 13.11 -12.56
CA ASP F 171 7.26 11.87 -11.83
C ASP F 171 8.65 11.30 -12.09
N LEU F 172 9.43 11.10 -11.03
CA LEU F 172 10.73 10.46 -11.13
C LEU F 172 10.87 9.37 -10.06
N THR F 173 9.74 8.80 -9.64
CA THR F 173 9.75 7.80 -8.58
C THR F 173 10.08 6.41 -9.08
N TRP F 174 10.09 6.20 -10.40
CA TRP F 174 10.40 4.91 -10.96
C TRP F 174 11.89 4.64 -10.85
N PRO F 175 12.30 3.37 -10.94
CA PRO F 175 13.73 3.04 -10.81
C PRO F 175 14.51 3.37 -12.07
N GLN F 176 15.73 3.85 -11.87
CA GLN F 176 16.61 4.18 -12.98
C GLN F 176 17.22 2.93 -13.58
N GLU F 177 17.03 2.74 -14.88
CA GLU F 177 17.74 1.69 -15.60
C GLU F 177 19.21 2.03 -15.81
N TYR F 178 19.55 3.32 -15.77
CA TYR F 178 20.92 3.78 -15.91
C TYR F 178 21.05 5.15 -15.25
N GLU F 179 22.24 5.42 -14.72
CA GLU F 179 22.46 6.63 -13.96
C GLU F 179 22.19 7.88 -14.80
N PHE F 180 21.62 8.89 -14.16
CA PHE F 180 21.30 10.18 -14.78
C PHE F 180 20.07 10.08 -15.68
N GLN F 181 19.26 9.03 -15.51
CA GLN F 181 18.04 8.91 -16.31
C GLN F 181 16.94 9.79 -15.75
N HIS F 182 16.88 9.93 -14.43
CA HIS F 182 15.95 10.89 -13.83
C HIS F 182 16.16 12.28 -14.43
N THR F 183 17.41 12.74 -14.40
CA THR F 183 17.74 14.07 -14.90
C THR F 183 17.39 14.21 -16.37
N GLU F 184 17.78 13.23 -17.18
CA GLU F 184 17.51 13.29 -18.61
C GLU F 184 16.00 13.38 -18.89
N TYR F 185 15.23 12.50 -18.25
CA TYR F 185 13.79 12.48 -18.47
C TYR F 185 13.15 13.82 -18.05
N ALA F 186 13.56 14.36 -16.91
CA ALA F 186 13.00 15.64 -16.47
C ALA F 186 13.35 16.76 -17.45
N VAL F 187 14.62 16.84 -17.85
CA VAL F 187 15.06 17.88 -18.78
C VAL F 187 14.25 17.80 -20.07
N ASN F 188 14.08 16.60 -20.60
CA ASN F 188 13.37 16.46 -21.88
C ASN F 188 11.90 16.85 -21.73
N LYS F 189 11.26 16.43 -20.63
CA LYS F 189 9.87 16.82 -20.42
C LYS F 189 9.74 18.34 -20.34
N ILE F 190 10.63 18.99 -19.59
CA ILE F 190 10.54 20.44 -19.42
C ILE F 190 10.73 21.14 -20.77
N ILE F 191 11.71 20.68 -21.55
CA ILE F 191 11.96 21.29 -22.85
C ILE F 191 10.75 21.14 -23.75
N GLU F 192 10.36 19.89 -24.03
CA GLU F 192 9.16 19.61 -24.82
C GLU F 192 8.01 20.51 -24.40
N MET F 193 7.84 20.70 -23.08
CA MET F 193 6.78 21.55 -22.58
C MET F 193 6.97 22.98 -23.03
N LEU F 194 8.21 23.49 -22.96
CA LEU F 194 8.43 24.89 -23.28
C LEU F 194 8.20 25.16 -24.76
N ASN F 195 8.65 24.25 -25.63
CA ASN F 195 8.57 24.41 -27.08
C ASN F 195 7.29 23.82 -27.66
N PHE F 196 6.18 23.95 -26.97
CA PHE F 196 4.95 23.33 -27.40
C PHE F 196 4.20 24.09 -28.49
CL CL G . -1.09 -16.68 23.07
CL CL H . -28.90 -26.17 -49.62
CL CL I . -13.81 -19.76 -13.11
CL CL J . -9.89 14.40 22.43
CL CL K . -10.62 8.39 -49.77
#